data_1N04
#
_entry.id   1N04
#
_cell.length_a   72.957
_cell.length_b   59.112
_cell.length_c   81.860
_cell.angle_alpha   90.00
_cell.angle_beta   95.56
_cell.angle_gamma   90.00
#
_symmetry.space_group_name_H-M   'P 1 21 1'
#
loop_
_entity.id
_entity.type
_entity.pdbx_description
1 polymer 'serum transferrin'
2 non-polymer beta-L-fucopyranose
3 non-polymer 'FE (III) ION'
4 non-polymer 'CARBONATE ION'
5 water water
#
_entity_poly.entity_id   1
_entity_poly.type   'polypeptide(L)'
_entity_poly.pdbx_seq_one_letter_code
;APPKSVIRWCTISSPEEKKCNNLRDLTQQERISLTCVQKATYLDCIKAIANNEADAISLDGGQAFEAGLAPYKLKPIAAE
VYEHTEGSTTSYYAVAVVKKGTEFTVNDLQGKTSCHTGLGRSAGWNIPIGTLLHRGAIEWEGIESGSVEQAVAKFFSASC
VPGATIEQKLCRQCKGDPKTKCARNAPYSGYSGAFHCLKDGKGDVAFVKHTTVNENAPDQKDEYELLCLDGSRQPVDNYK
TCNWARVAAHAVVARDDNKVEDIWSFLSKAQSDFGVDTKSDFHLFGPPGKKDPVLKDLLFKDSAIMLKRVPSLMDSQLYL
GFEYYSAIQSMRKDQLTPSPRENRIQWCAVGKDEKSKCDRWSVVSNGDVECTVVDETKDCIIKIMKGEADAVALDGGLVY
TAGVCGLVPVMAERYDDESQCSKTDERPASYFAVAVARKDSNVNWNNLKGKKSCHTAVGRTAGWVIPMGLIHNRTGTCNF
DEYFSEGCAPGSPPNSRLCQLCQGSGGIPPEKCVASSHEKYFGYTGALRCLVEKGDVAFIQHSTVEENTGGKNKADWAKN
LQMDDFELLCTDGRRANVMDYRECNLAEVPTHAVVVRPEKANKIRDLLERQEKRFGVNGSEKSKFMMFESQNKDLLFKDL
TKCLFKVREGTTYKEFLGDKFYTVISSLKTCNPSDILQMCSFLEGK
;
_entity_poly.pdbx_strand_id   A
#
loop_
_chem_comp.id
_chem_comp.type
_chem_comp.name
_chem_comp.formula
CO3 non-polymer 'CARBONATE ION' 'C O3 -2'
FE non-polymer 'FE (III) ION' 'Fe 3'
FUL L-saccharide, beta linking beta-L-fucopyranose 'C6 H12 O5'
#
# COMPACT_ATOMS: atom_id res chain seq x y z
N LYS A 4 -13.08 30.80 17.27
CA LYS A 4 -12.06 29.73 17.10
C LYS A 4 -12.00 29.36 15.62
N SER A 5 -11.86 28.07 15.34
CA SER A 5 -11.84 27.61 13.95
C SER A 5 -12.90 26.53 13.88
N VAL A 6 -13.87 26.75 13.01
CA VAL A 6 -14.94 25.80 12.86
C VAL A 6 -14.77 25.01 11.57
N ILE A 7 -14.68 23.69 11.70
CA ILE A 7 -14.53 22.82 10.54
C ILE A 7 -15.85 22.85 9.77
N ARG A 8 -15.75 23.14 8.47
CA ARG A 8 -16.94 23.19 7.64
C ARG A 8 -17.25 21.84 6.99
N TRP A 9 -18.34 21.21 7.41
CA TRP A 9 -18.74 19.91 6.87
C TRP A 9 -19.81 20.08 5.80
N CYS A 10 -19.64 19.38 4.68
CA CYS A 10 -20.58 19.45 3.58
C CYS A 10 -21.62 18.36 3.71
N THR A 11 -22.84 18.66 3.27
CA THR A 11 -23.92 17.69 3.39
C THR A 11 -24.61 17.44 2.05
N ILE A 12 -25.48 16.43 2.01
CA ILE A 12 -26.15 16.08 0.76
C ILE A 12 -27.59 15.60 0.89
N SER A 13 -28.46 16.47 1.38
CA SER A 13 -29.88 16.21 1.58
C SER A 13 -30.35 17.04 2.78
N SER A 14 -31.65 17.33 2.82
CA SER A 14 -32.17 18.09 3.94
C SER A 14 -32.01 17.26 5.21
N PRO A 15 -32.40 15.97 5.16
CA PRO A 15 -32.25 15.12 6.35
C PRO A 15 -30.83 15.17 6.93
N GLU A 16 -29.84 14.99 6.05
CA GLU A 16 -28.44 14.99 6.46
C GLU A 16 -28.01 16.38 6.92
N GLU A 17 -28.70 17.39 6.43
CA GLU A 17 -28.40 18.75 6.83
C GLU A 17 -28.82 18.90 8.28
N LYS A 18 -30.09 18.59 8.57
CA LYS A 18 -30.57 18.69 9.94
C LYS A 18 -29.53 18.01 10.83
N LYS A 19 -29.24 16.76 10.50
CA LYS A 19 -28.29 15.92 11.22
C LYS A 19 -27.05 16.73 11.56
N CYS A 20 -26.39 17.22 10.52
CA CYS A 20 -25.18 18.02 10.68
C CYS A 20 -25.34 19.13 11.73
N ASN A 21 -26.28 20.05 11.49
CA ASN A 21 -26.49 21.14 12.44
C ASN A 21 -26.70 20.70 13.87
N ASN A 22 -27.65 19.80 14.09
CA ASN A 22 -27.90 19.34 15.44
C ASN A 22 -26.57 19.08 16.16
N LEU A 23 -25.64 18.42 15.46
CA LEU A 23 -24.33 18.13 16.03
C LEU A 23 -23.60 19.44 16.27
N ARG A 24 -23.68 20.34 15.29
CA ARG A 24 -23.03 21.63 15.38
C ARG A 24 -23.33 22.31 16.70
N ASP A 25 -24.61 22.54 16.97
CA ASP A 25 -25.02 23.17 18.22
C ASP A 25 -24.24 22.59 19.39
N LEU A 26 -24.24 21.26 19.45
CA LEU A 26 -23.54 20.53 20.49
C LEU A 26 -22.02 20.66 20.40
N THR A 27 -21.52 20.92 19.20
CA THR A 27 -20.08 21.08 18.99
C THR A 27 -19.77 22.54 18.73
N GLN A 28 -19.74 23.33 19.81
CA GLN A 28 -19.43 24.77 19.73
C GLN A 28 -18.33 25.07 20.76
N GLN A 29 -18.62 24.79 22.03
CA GLN A 29 -17.65 25.01 23.12
C GLN A 29 -16.44 24.09 22.98
N GLU A 30 -16.44 23.28 21.93
CA GLU A 30 -15.30 22.39 21.71
C GLU A 30 -14.17 23.27 21.20
N ARG A 31 -12.93 22.84 21.39
CA ARG A 31 -11.80 23.62 20.92
C ARG A 31 -12.14 23.94 19.46
N ILE A 32 -12.14 22.89 18.65
CA ILE A 32 -12.47 22.98 17.25
C ILE A 32 -13.99 22.88 17.12
N SER A 33 -14.61 23.79 16.38
CA SER A 33 -16.06 23.76 16.22
C SER A 33 -16.51 23.25 14.83
N LEU A 34 -17.82 23.09 14.67
CA LEU A 34 -18.41 22.58 13.43
C LEU A 34 -19.35 23.55 12.76
N THR A 35 -19.57 23.31 11.47
CA THR A 35 -20.47 24.14 10.66
C THR A 35 -20.94 23.30 9.47
N CYS A 36 -22.12 23.63 8.96
CA CYS A 36 -22.72 22.87 7.86
C CYS A 36 -22.94 23.59 6.54
N VAL A 37 -22.83 22.82 5.47
CA VAL A 37 -22.99 23.31 4.10
C VAL A 37 -23.64 22.25 3.21
N GLN A 38 -24.94 22.39 3.01
CA GLN A 38 -25.71 21.47 2.18
C GLN A 38 -25.38 21.76 0.72
N LYS A 39 -25.50 20.74 -0.12
CA LYS A 39 -25.25 20.87 -1.54
C LYS A 39 -26.19 19.89 -2.22
N ALA A 40 -26.27 19.96 -3.54
CA ALA A 40 -27.16 19.07 -4.30
C ALA A 40 -26.74 17.60 -4.30
N THR A 41 -25.49 17.33 -4.71
CA THR A 41 -24.99 15.96 -4.77
C THR A 41 -23.62 15.86 -4.13
N TYR A 42 -23.13 14.63 -4.00
CA TYR A 42 -21.83 14.38 -3.42
C TYR A 42 -20.78 15.12 -4.27
N LEU A 43 -21.05 15.21 -5.57
CA LEU A 43 -20.13 15.86 -6.50
C LEU A 43 -19.98 17.36 -6.26
N ASP A 44 -21.06 18.00 -5.82
CA ASP A 44 -21.02 19.43 -5.53
C ASP A 44 -20.17 19.64 -4.27
N CYS A 45 -20.39 18.78 -3.29
CA CYS A 45 -19.64 18.84 -2.04
C CYS A 45 -18.14 18.73 -2.28
N ILE A 46 -17.75 17.91 -3.25
CA ILE A 46 -16.33 17.74 -3.56
C ILE A 46 -15.74 19.03 -4.10
N LYS A 47 -16.46 19.65 -5.02
CA LYS A 47 -16.02 20.89 -5.64
C LYS A 47 -15.85 21.97 -4.58
N ALA A 48 -16.84 22.05 -3.68
CA ALA A 48 -16.81 23.02 -2.58
C ALA A 48 -15.49 22.90 -1.82
N ILE A 49 -15.32 21.77 -1.14
CA ILE A 49 -14.13 21.49 -0.37
C ILE A 49 -12.89 21.89 -1.15
N ALA A 50 -12.86 21.50 -2.42
CA ALA A 50 -11.73 21.81 -3.26
C ALA A 50 -11.60 23.32 -3.45
N ASN A 51 -12.72 24.00 -3.54
CA ASN A 51 -12.69 25.45 -3.72
C ASN A 51 -12.84 26.19 -2.41
N ASN A 52 -12.21 25.63 -1.38
CA ASN A 52 -12.19 26.22 -0.05
C ASN A 52 -13.54 26.74 0.44
N GLU A 53 -14.63 26.07 0.04
CA GLU A 53 -15.98 26.47 0.45
C GLU A 53 -16.53 25.50 1.49
N ALA A 54 -15.93 24.31 1.53
CA ALA A 54 -16.30 23.26 2.47
C ALA A 54 -15.01 22.69 3.03
N ASP A 55 -15.10 21.81 4.03
CA ASP A 55 -13.90 21.25 4.63
C ASP A 55 -13.84 19.75 4.69
N ALA A 56 -15.00 19.09 4.60
CA ALA A 56 -15.04 17.64 4.65
C ALA A 56 -16.36 17.03 4.17
N ILE A 57 -16.39 15.70 4.17
CA ILE A 57 -17.55 14.92 3.75
C ILE A 57 -17.14 13.45 3.66
N SER A 58 -18.02 12.54 4.07
CA SER A 58 -17.74 11.11 4.02
C SER A 58 -18.25 10.51 2.72
N LEU A 59 -17.36 9.90 1.94
CA LEU A 59 -17.77 9.32 0.67
C LEU A 59 -17.77 7.78 0.59
N ASP A 60 -18.42 7.25 -0.43
CA ASP A 60 -18.41 5.81 -0.66
C ASP A 60 -17.11 5.57 -1.40
N GLY A 61 -16.60 4.36 -1.34
CA GLY A 61 -15.36 4.08 -2.03
C GLY A 61 -15.38 4.53 -3.46
N GLY A 62 -16.49 4.27 -4.14
CA GLY A 62 -16.60 4.63 -5.54
C GLY A 62 -16.53 6.12 -5.72
N GLN A 63 -16.74 6.86 -4.64
CA GLN A 63 -16.69 8.32 -4.73
C GLN A 63 -15.42 8.94 -4.16
N ALA A 64 -14.68 8.17 -3.35
CA ALA A 64 -13.41 8.63 -2.82
C ALA A 64 -12.55 8.68 -4.07
N PHE A 65 -12.81 7.74 -4.98
CA PHE A 65 -12.08 7.65 -6.24
C PHE A 65 -12.26 8.90 -7.08
N GLU A 66 -13.43 9.52 -7.02
CA GLU A 66 -13.63 10.74 -7.79
C GLU A 66 -13.00 11.90 -7.06
N ALA A 67 -13.27 11.99 -5.76
CA ALA A 67 -12.70 13.06 -4.95
C ALA A 67 -11.18 13.20 -5.17
N GLY A 68 -10.52 12.07 -5.44
CA GLY A 68 -9.08 12.07 -5.65
C GLY A 68 -8.60 12.44 -7.04
N LEU A 69 -9.51 12.40 -8.00
CA LEU A 69 -9.20 12.75 -9.38
C LEU A 69 -8.99 14.27 -9.49
N ALA A 70 -8.19 14.70 -10.45
CA ALA A 70 -7.96 16.14 -10.63
C ALA A 70 -9.24 16.81 -11.15
N PRO A 71 -9.46 18.09 -10.84
CA PRO A 71 -8.69 19.07 -10.06
C PRO A 71 -8.98 19.00 -8.56
N TYR A 72 -9.78 18.01 -8.18
CA TYR A 72 -10.17 17.84 -6.79
C TYR A 72 -9.06 17.29 -5.92
N LYS A 73 -8.41 16.23 -6.41
CA LYS A 73 -7.32 15.59 -5.69
C LYS A 73 -7.43 15.65 -4.16
N LEU A 74 -8.62 15.33 -3.65
CA LEU A 74 -8.84 15.30 -2.20
C LEU A 74 -8.10 14.12 -1.59
N LYS A 75 -7.92 14.18 -0.26
CA LYS A 75 -7.22 13.14 0.49
C LYS A 75 -8.09 12.52 1.57
N PRO A 76 -8.16 11.17 1.60
CA PRO A 76 -8.96 10.45 2.61
C PRO A 76 -8.26 10.52 3.95
N ILE A 77 -8.69 11.43 4.81
CA ILE A 77 -8.06 11.59 6.11
C ILE A 77 -8.55 10.61 7.19
N ALA A 78 -9.82 10.21 7.15
CA ALA A 78 -10.31 9.27 8.16
C ALA A 78 -11.20 8.17 7.55
N ALA A 79 -11.20 6.98 8.16
CA ALA A 79 -11.98 5.84 7.65
C ALA A 79 -12.98 5.19 8.61
N GLU A 80 -14.19 4.90 8.14
CA GLU A 80 -15.18 4.26 8.98
C GLU A 80 -14.71 2.87 9.41
N VAL A 81 -15.20 2.42 10.56
CA VAL A 81 -14.84 1.11 11.08
C VAL A 81 -16.10 0.27 11.24
N TYR A 82 -16.05 -0.98 10.80
CA TYR A 82 -17.22 -1.86 10.89
C TYR A 82 -17.10 -3.07 11.79
N GLU A 83 -18.26 -3.49 12.30
CA GLU A 83 -18.35 -4.63 13.19
C GLU A 83 -18.06 -5.91 12.40
N HIS A 84 -17.04 -6.65 12.83
CA HIS A 84 -16.60 -7.89 12.21
C HIS A 84 -16.11 -8.88 13.27
N THR A 85 -16.09 -10.16 12.92
CA THR A 85 -15.62 -11.19 13.83
C THR A 85 -14.11 -11.30 13.80
N GLU A 86 -13.54 -11.26 12.59
CA GLU A 86 -12.09 -11.35 12.43
C GLU A 86 -11.45 -10.29 13.31
N GLY A 87 -12.02 -9.09 13.32
CA GLY A 87 -11.47 -8.03 14.14
C GLY A 87 -12.09 -6.65 13.97
N SER A 88 -13.03 -6.51 13.02
CA SER A 88 -13.66 -5.22 12.81
C SER A 88 -12.63 -4.22 12.28
N THR A 89 -12.64 -3.99 10.97
CA THR A 89 -11.70 -3.05 10.39
C THR A 89 -12.41 -2.08 9.46
N THR A 90 -11.64 -1.50 8.56
CA THR A 90 -12.18 -0.54 7.63
C THR A 90 -12.54 -1.14 6.26
N SER A 91 -13.50 -2.06 6.25
CA SER A 91 -13.97 -2.68 5.02
C SER A 91 -15.31 -3.42 5.22
N TYR A 92 -16.01 -3.65 4.12
CA TYR A 92 -17.29 -4.36 4.15
C TYR A 92 -17.49 -5.29 2.95
N TYR A 93 -18.67 -5.91 2.85
CA TYR A 93 -18.97 -6.86 1.77
C TYR A 93 -20.18 -6.49 0.92
N ALA A 94 -20.07 -6.77 -0.38
CA ALA A 94 -21.14 -6.50 -1.32
C ALA A 94 -21.91 -7.78 -1.57
N VAL A 95 -23.22 -7.74 -1.36
CA VAL A 95 -24.04 -8.93 -1.58
C VAL A 95 -25.22 -8.64 -2.50
N ALA A 96 -25.74 -9.72 -3.09
CA ALA A 96 -26.88 -9.62 -3.97
C ALA A 96 -28.00 -10.27 -3.18
N VAL A 97 -28.96 -9.48 -2.70
CA VAL A 97 -30.07 -10.02 -1.90
C VAL A 97 -31.32 -10.26 -2.74
N VAL A 98 -31.95 -11.42 -2.57
CA VAL A 98 -33.17 -11.75 -3.31
C VAL A 98 -34.22 -12.27 -2.33
N LYS A 99 -35.37 -12.68 -2.84
CA LYS A 99 -36.41 -13.21 -1.95
C LYS A 99 -36.35 -14.71 -1.87
N LYS A 100 -36.47 -15.22 -0.64
CA LYS A 100 -36.45 -16.66 -0.39
C LYS A 100 -37.61 -17.21 -1.18
N GLY A 101 -37.39 -18.30 -1.90
CA GLY A 101 -38.49 -18.87 -2.66
C GLY A 101 -38.36 -18.70 -4.16
N THR A 102 -37.95 -17.52 -4.59
CA THR A 102 -37.77 -17.27 -6.01
C THR A 102 -36.78 -18.38 -6.34
N GLU A 103 -36.65 -18.74 -7.61
CA GLU A 103 -35.75 -19.84 -7.88
C GLU A 103 -34.46 -19.54 -8.64
N PHE A 104 -34.48 -18.51 -9.47
CA PHE A 104 -33.32 -18.17 -10.27
C PHE A 104 -31.98 -18.07 -9.52
N THR A 105 -30.89 -18.31 -10.25
CA THR A 105 -29.54 -18.24 -9.71
C THR A 105 -28.93 -16.96 -10.28
N VAL A 106 -27.75 -16.60 -9.79
CA VAL A 106 -27.11 -15.40 -10.31
C VAL A 106 -27.04 -15.50 -11.82
N ASN A 107 -27.10 -16.73 -12.34
CA ASN A 107 -27.02 -16.99 -13.78
C ASN A 107 -28.29 -16.72 -14.58
N ASP A 108 -29.38 -16.39 -13.89
CA ASP A 108 -30.64 -16.10 -14.56
C ASP A 108 -31.05 -14.67 -14.32
N LEU A 109 -30.11 -13.85 -13.83
CA LEU A 109 -30.39 -12.45 -13.53
C LEU A 109 -30.88 -11.66 -14.72
N GLN A 110 -30.50 -12.11 -15.92
CA GLN A 110 -30.89 -11.44 -17.14
C GLN A 110 -32.41 -11.48 -17.27
N GLY A 111 -33.00 -10.32 -17.53
CA GLY A 111 -34.45 -10.26 -17.69
C GLY A 111 -35.17 -9.88 -16.41
N LYS A 112 -34.54 -10.11 -15.26
CA LYS A 112 -35.15 -9.77 -13.98
C LYS A 112 -35.07 -8.25 -13.74
N THR A 113 -35.62 -7.82 -12.62
CA THR A 113 -35.59 -6.42 -12.25
C THR A 113 -34.64 -6.32 -11.08
N SER A 114 -33.97 -5.17 -10.95
CA SER A 114 -33.00 -5.01 -9.88
C SER A 114 -33.09 -3.68 -9.21
N CYS A 115 -32.56 -3.64 -7.99
CA CYS A 115 -32.56 -2.43 -7.20
C CYS A 115 -31.12 -2.11 -6.88
N HIS A 116 -30.72 -0.85 -7.06
CA HIS A 116 -29.34 -0.42 -6.79
C HIS A 116 -29.30 0.78 -5.83
N THR A 117 -28.24 0.89 -5.02
CA THR A 117 -28.09 1.97 -4.05
C THR A 117 -27.91 3.40 -4.61
N GLY A 118 -27.06 3.52 -5.64
CA GLY A 118 -26.78 4.79 -6.27
C GLY A 118 -25.86 4.50 -7.43
N LEU A 119 -25.85 5.33 -8.46
CA LEU A 119 -24.95 5.09 -9.58
C LEU A 119 -23.54 5.32 -9.07
N GLY A 120 -22.58 4.63 -9.67
CA GLY A 120 -21.19 4.79 -9.26
C GLY A 120 -20.79 4.42 -7.84
N ARG A 121 -21.72 3.85 -7.07
CA ARG A 121 -21.45 3.43 -5.70
C ARG A 121 -20.79 2.05 -5.77
N SER A 122 -20.14 1.61 -4.69
CA SER A 122 -19.45 0.32 -4.69
C SER A 122 -20.38 -0.90 -4.70
N ALA A 123 -20.95 -1.23 -3.55
CA ALA A 123 -21.87 -2.37 -3.42
C ALA A 123 -23.10 -2.20 -4.30
N GLY A 124 -23.60 -0.97 -4.36
CA GLY A 124 -24.78 -0.69 -5.14
C GLY A 124 -24.65 -0.66 -6.66
N TRP A 125 -23.44 -0.66 -7.20
CA TRP A 125 -23.33 -0.59 -8.65
C TRP A 125 -21.99 -1.06 -9.22
N ASN A 126 -20.89 -0.58 -8.67
CA ASN A 126 -19.59 -0.97 -9.19
C ASN A 126 -19.26 -2.47 -9.11
N ILE A 127 -19.37 -3.05 -7.91
CA ILE A 127 -19.11 -4.47 -7.75
C ILE A 127 -20.04 -5.33 -8.64
N PRO A 128 -21.37 -5.10 -8.54
CA PRO A 128 -22.36 -5.85 -9.32
C PRO A 128 -22.19 -5.74 -10.82
N ILE A 129 -22.30 -4.52 -11.33
CA ILE A 129 -22.19 -4.27 -12.77
C ILE A 129 -20.86 -4.76 -13.30
N GLY A 130 -19.77 -4.34 -12.66
CA GLY A 130 -18.46 -4.79 -13.10
C GLY A 130 -18.34 -6.30 -13.05
N THR A 131 -18.86 -6.93 -12.00
CA THR A 131 -18.82 -8.37 -11.89
C THR A 131 -19.64 -9.04 -12.99
N LEU A 132 -20.75 -8.41 -13.36
CA LEU A 132 -21.59 -8.96 -14.41
C LEU A 132 -20.94 -8.72 -15.77
N LEU A 133 -20.28 -7.58 -15.94
CA LEU A 133 -19.59 -7.30 -17.20
C LEU A 133 -18.44 -8.30 -17.28
N HIS A 134 -17.84 -8.58 -16.13
CA HIS A 134 -16.72 -9.51 -16.02
C HIS A 134 -17.13 -10.92 -16.41
N ARG A 135 -18.26 -11.38 -15.89
CA ARG A 135 -18.75 -12.73 -16.18
C ARG A 135 -19.37 -12.98 -17.57
N GLY A 136 -19.48 -11.93 -18.37
CA GLY A 136 -20.05 -12.07 -19.69
C GLY A 136 -21.57 -12.01 -19.73
N ALA A 137 -22.19 -11.96 -18.55
CA ALA A 137 -23.65 -11.93 -18.43
C ALA A 137 -24.17 -10.68 -19.11
N ILE A 138 -23.50 -9.58 -18.82
CA ILE A 138 -23.80 -8.29 -19.41
C ILE A 138 -22.75 -8.11 -20.52
N GLU A 139 -23.19 -7.70 -21.70
CA GLU A 139 -22.27 -7.49 -22.81
C GLU A 139 -21.80 -6.04 -22.83
N TRP A 140 -20.49 -5.87 -22.76
CA TRP A 140 -19.91 -4.54 -22.76
C TRP A 140 -18.42 -4.69 -22.94
N GLU A 141 -17.89 -4.21 -24.06
CA GLU A 141 -16.46 -4.31 -24.31
C GLU A 141 -15.73 -3.06 -23.82
N GLY A 142 -16.39 -1.91 -23.95
CA GLY A 142 -15.77 -0.67 -23.54
C GLY A 142 -16.75 0.46 -23.73
N ILE A 143 -16.38 1.68 -23.36
CA ILE A 143 -17.28 2.83 -23.49
C ILE A 143 -17.65 3.08 -24.95
N GLU A 144 -16.94 2.40 -25.84
CA GLU A 144 -17.17 2.56 -27.26
C GLU A 144 -18.24 1.58 -27.77
N SER A 145 -18.58 0.58 -26.96
CA SER A 145 -19.62 -0.34 -27.39
C SER A 145 -20.95 0.24 -26.88
N GLY A 146 -20.84 1.36 -26.16
CA GLY A 146 -22.02 2.02 -25.64
C GLY A 146 -21.81 2.38 -24.17
N SER A 147 -22.75 3.14 -23.60
CA SER A 147 -22.64 3.54 -22.20
C SER A 147 -22.80 2.28 -21.38
N VAL A 148 -22.28 2.33 -20.16
CA VAL A 148 -22.38 1.21 -19.24
C VAL A 148 -23.83 1.08 -18.79
N GLU A 149 -24.58 2.17 -18.86
CA GLU A 149 -25.97 2.17 -18.46
C GLU A 149 -26.80 1.48 -19.53
N GLN A 150 -26.59 1.90 -20.78
CA GLN A 150 -27.30 1.35 -21.91
C GLN A 150 -27.26 -0.19 -21.84
N ALA A 151 -26.11 -0.72 -21.47
CA ALA A 151 -25.95 -2.18 -21.36
C ALA A 151 -26.75 -2.71 -20.18
N VAL A 152 -26.49 -2.18 -18.99
CA VAL A 152 -27.20 -2.62 -17.81
C VAL A 152 -28.72 -2.56 -17.98
N ALA A 153 -29.19 -1.60 -18.78
CA ALA A 153 -30.63 -1.44 -19.02
C ALA A 153 -31.17 -2.43 -20.01
N LYS A 154 -30.28 -3.06 -20.76
CA LYS A 154 -30.69 -4.04 -21.76
C LYS A 154 -30.59 -5.42 -21.14
N PHE A 155 -29.97 -5.49 -19.98
CA PHE A 155 -29.78 -6.75 -19.25
C PHE A 155 -31.02 -7.00 -18.41
N PHE A 156 -31.25 -6.10 -17.45
CA PHE A 156 -32.42 -6.18 -16.59
C PHE A 156 -33.63 -5.60 -17.36
N SER A 157 -34.84 -5.97 -16.94
CA SER A 157 -36.05 -5.46 -17.60
C SER A 157 -36.30 -4.04 -17.12
N ALA A 158 -36.23 -3.84 -15.81
CA ALA A 158 -36.41 -2.54 -15.17
C ALA A 158 -35.56 -2.51 -13.90
N SER A 159 -35.18 -1.31 -13.47
CA SER A 159 -34.35 -1.17 -12.28
C SER A 159 -34.54 0.20 -11.65
N CYS A 160 -33.89 0.41 -10.50
CA CYS A 160 -33.91 1.71 -9.83
C CYS A 160 -32.43 1.99 -9.52
N VAL A 161 -31.87 2.96 -10.24
CA VAL A 161 -30.47 3.35 -10.10
C VAL A 161 -30.41 4.83 -9.74
N PRO A 162 -30.63 5.18 -8.46
CA PRO A 162 -30.59 6.57 -8.02
C PRO A 162 -29.35 7.30 -8.48
N GLY A 163 -29.47 8.05 -9.57
CA GLY A 163 -28.31 8.78 -10.06
C GLY A 163 -28.22 8.66 -11.56
N ALA A 164 -28.88 7.65 -12.11
CA ALA A 164 -28.87 7.42 -13.55
C ALA A 164 -29.65 8.54 -14.25
N THR A 165 -29.13 9.01 -15.38
CA THR A 165 -29.79 10.06 -16.14
C THR A 165 -29.81 9.77 -17.63
N ILE A 166 -29.03 8.78 -18.04
CA ILE A 166 -28.97 8.43 -19.45
C ILE A 166 -30.05 7.46 -19.86
N GLU A 167 -30.12 6.33 -19.18
CA GLU A 167 -31.11 5.34 -19.53
C GLU A 167 -32.40 5.46 -18.72
N GLN A 168 -33.50 5.61 -19.45
CA GLN A 168 -34.82 5.76 -18.85
C GLN A 168 -35.17 4.55 -17.98
N LYS A 169 -35.13 3.35 -18.57
CA LYS A 169 -35.46 2.12 -17.86
C LYS A 169 -34.79 1.95 -16.49
N LEU A 170 -33.66 2.61 -16.29
CA LEU A 170 -32.94 2.48 -15.04
C LEU A 170 -33.52 3.27 -13.88
N CYS A 171 -34.68 3.88 -14.11
CA CYS A 171 -35.37 4.65 -13.07
C CYS A 171 -36.80 4.19 -12.93
N ARG A 172 -37.19 3.26 -13.81
CA ARG A 172 -38.53 2.69 -13.90
C ARG A 172 -39.12 2.14 -12.60
N GLN A 173 -38.31 1.38 -11.85
CA GLN A 173 -38.77 0.77 -10.60
C GLN A 173 -38.63 1.67 -9.38
N CYS A 174 -38.16 2.89 -9.58
CA CYS A 174 -38.01 3.80 -8.44
C CYS A 174 -39.37 4.33 -7.95
N LYS A 175 -39.47 4.49 -6.64
CA LYS A 175 -40.66 5.01 -5.97
C LYS A 175 -40.40 6.47 -5.61
N GLY A 176 -41.38 7.33 -5.83
CA GLY A 176 -41.22 8.73 -5.52
C GLY A 176 -41.94 9.60 -6.54
N ASP A 177 -41.67 10.91 -6.48
CA ASP A 177 -42.28 11.85 -7.41
C ASP A 177 -41.62 11.68 -8.77
N PRO A 178 -42.43 11.62 -9.83
CA PRO A 178 -41.90 11.45 -11.18
C PRO A 178 -40.65 12.28 -11.45
N LYS A 179 -40.59 13.46 -10.83
CA LYS A 179 -39.45 14.36 -11.02
C LYS A 179 -38.26 14.17 -10.06
N THR A 180 -38.47 13.43 -8.96
CA THR A 180 -37.37 13.21 -8.02
C THR A 180 -37.24 11.79 -7.50
N LYS A 181 -37.89 10.83 -8.16
CA LYS A 181 -37.81 9.45 -7.72
C LYS A 181 -36.50 8.79 -8.14
N CYS A 182 -35.67 9.50 -8.90
CA CYS A 182 -34.42 8.92 -9.34
C CYS A 182 -33.20 9.72 -8.88
N ALA A 183 -33.25 10.20 -7.65
CA ALA A 183 -32.16 10.99 -7.09
C ALA A 183 -31.24 10.18 -6.20
N ARG A 184 -30.09 10.77 -5.87
CA ARG A 184 -29.11 10.13 -5.03
C ARG A 184 -29.54 10.11 -3.58
N ASN A 185 -30.71 10.67 -3.31
CA ASN A 185 -31.26 10.71 -1.97
C ASN A 185 -32.73 10.31 -2.01
N ALA A 186 -33.18 9.93 -3.22
CA ALA A 186 -34.56 9.50 -3.44
C ALA A 186 -34.86 8.40 -2.41
N PRO A 187 -36.14 8.04 -2.25
CA PRO A 187 -36.55 7.00 -1.28
C PRO A 187 -35.81 5.67 -1.43
N TYR A 188 -35.75 5.17 -2.66
CA TYR A 188 -35.08 3.90 -2.93
C TYR A 188 -33.59 4.07 -3.19
N SER A 189 -32.93 4.86 -2.36
CA SER A 189 -31.50 5.13 -2.52
C SER A 189 -30.67 4.64 -1.32
N GLY A 190 -29.39 4.37 -1.57
CA GLY A 190 -28.53 3.87 -0.52
C GLY A 190 -28.81 2.41 -0.24
N TYR A 191 -28.14 1.85 0.75
CA TYR A 191 -28.33 0.44 1.09
C TYR A 191 -29.77 0.13 1.48
N SER A 192 -30.32 0.87 2.44
CA SER A 192 -31.68 0.61 2.86
C SER A 192 -32.75 0.84 1.78
N GLY A 193 -32.63 1.93 1.04
CA GLY A 193 -33.60 2.18 -0.01
C GLY A 193 -33.67 0.99 -0.96
N ALA A 194 -32.49 0.58 -1.44
CA ALA A 194 -32.37 -0.55 -2.36
C ALA A 194 -32.98 -1.84 -1.85
N PHE A 195 -33.02 -1.98 -0.52
CA PHE A 195 -33.60 -3.17 0.09
C PHE A 195 -35.11 -3.08 -0.02
N HIS A 196 -35.69 -1.98 0.46
CA HIS A 196 -37.13 -1.83 0.39
C HIS A 196 -37.64 -1.91 -1.03
N CYS A 197 -36.82 -1.48 -1.98
CA CYS A 197 -37.19 -1.55 -3.38
C CYS A 197 -37.46 -3.00 -3.75
N LEU A 198 -36.59 -3.87 -3.26
CA LEU A 198 -36.71 -5.30 -3.50
C LEU A 198 -37.91 -5.83 -2.71
N LYS A 199 -38.03 -5.38 -1.46
CA LYS A 199 -39.14 -5.79 -0.60
C LYS A 199 -40.50 -5.56 -1.26
N ASP A 200 -40.73 -4.34 -1.72
CA ASP A 200 -41.97 -3.99 -2.36
C ASP A 200 -42.14 -4.54 -3.78
N GLY A 201 -41.52 -5.69 -4.06
CA GLY A 201 -41.66 -6.30 -5.37
C GLY A 201 -41.11 -5.56 -6.58
N LYS A 202 -40.70 -4.32 -6.39
CA LYS A 202 -40.17 -3.54 -7.49
C LYS A 202 -38.88 -4.09 -8.11
N GLY A 203 -38.31 -5.11 -7.48
CA GLY A 203 -37.10 -5.71 -7.99
C GLY A 203 -36.89 -7.13 -7.50
N ASP A 204 -36.40 -7.99 -8.38
CA ASP A 204 -36.11 -9.39 -8.03
C ASP A 204 -34.75 -9.52 -7.31
N VAL A 205 -34.00 -8.41 -7.21
CA VAL A 205 -32.68 -8.34 -6.55
C VAL A 205 -32.30 -6.97 -6.04
N ALA A 206 -31.53 -6.97 -4.95
CA ALA A 206 -31.02 -5.75 -4.33
C ALA A 206 -29.52 -5.97 -4.18
N PHE A 207 -28.73 -4.98 -4.58
CA PHE A 207 -27.28 -5.04 -4.47
C PHE A 207 -26.86 -4.12 -3.32
N VAL A 208 -26.63 -4.73 -2.18
CA VAL A 208 -26.27 -4.00 -0.98
C VAL A 208 -25.10 -4.60 -0.21
N LYS A 209 -24.86 -4.09 0.99
CA LYS A 209 -23.77 -4.59 1.81
C LYS A 209 -24.21 -5.63 2.84
N HIS A 210 -23.29 -6.47 3.24
CA HIS A 210 -23.54 -7.54 4.20
C HIS A 210 -24.41 -7.21 5.42
N THR A 211 -24.66 -5.94 5.69
CA THR A 211 -25.48 -5.63 6.86
C THR A 211 -26.86 -5.12 6.48
N THR A 212 -27.01 -4.64 5.25
CA THR A 212 -28.27 -4.10 4.78
C THR A 212 -29.54 -4.82 5.26
N VAL A 213 -29.64 -6.13 5.00
CA VAL A 213 -30.83 -6.88 5.42
C VAL A 213 -31.07 -6.86 6.92
N ASN A 214 -29.99 -6.69 7.69
CA ASN A 214 -30.07 -6.65 9.14
C ASN A 214 -30.57 -5.30 9.66
N GLU A 215 -30.11 -4.22 9.05
CA GLU A 215 -30.51 -2.88 9.46
C GLU A 215 -31.83 -2.44 8.80
N ASN A 216 -32.58 -3.40 8.27
CA ASN A 216 -33.82 -3.09 7.58
C ASN A 216 -34.99 -4.02 7.91
N ALA A 217 -34.68 -5.30 8.13
CA ALA A 217 -35.72 -6.27 8.44
C ALA A 217 -35.14 -7.49 9.13
N PRO A 218 -34.59 -7.30 10.34
CA PRO A 218 -33.98 -8.38 11.12
C PRO A 218 -34.81 -9.66 11.27
N ASP A 219 -35.97 -9.52 11.90
CA ASP A 219 -36.88 -10.63 12.16
C ASP A 219 -37.45 -11.33 10.92
N GLN A 220 -37.23 -10.78 9.73
CA GLN A 220 -37.71 -11.42 8.50
C GLN A 220 -36.58 -11.85 7.58
N LYS A 221 -35.41 -12.06 8.16
CA LYS A 221 -34.23 -12.51 7.43
C LYS A 221 -34.49 -13.83 6.69
N ASP A 222 -35.23 -14.74 7.32
CA ASP A 222 -35.55 -16.04 6.74
C ASP A 222 -36.33 -15.94 5.43
N GLU A 223 -36.87 -14.75 5.14
CA GLU A 223 -37.64 -14.54 3.92
C GLU A 223 -36.76 -14.01 2.80
N TYR A 224 -35.45 -14.13 3.01
CA TYR A 224 -34.47 -13.66 2.04
C TYR A 224 -33.29 -14.59 1.93
N GLU A 225 -32.58 -14.46 0.82
CA GLU A 225 -31.40 -15.26 0.58
C GLU A 225 -30.43 -14.39 -0.18
N LEU A 226 -29.20 -14.89 -0.29
CA LEU A 226 -28.16 -14.22 -1.01
C LEU A 226 -28.02 -15.00 -2.29
N LEU A 227 -27.51 -14.34 -3.32
CA LEU A 227 -27.33 -14.93 -4.62
C LEU A 227 -25.82 -15.09 -4.79
N CYS A 228 -25.26 -16.22 -4.35
CA CYS A 228 -23.81 -16.42 -4.43
C CYS A 228 -23.31 -16.53 -5.86
N LEU A 229 -22.01 -16.24 -6.03
CA LEU A 229 -21.39 -16.27 -7.34
C LEU A 229 -21.28 -17.65 -7.98
N ASP A 230 -21.11 -18.69 -7.18
CA ASP A 230 -20.98 -20.05 -7.69
C ASP A 230 -22.28 -20.69 -8.20
N GLY A 231 -23.34 -19.90 -8.33
CA GLY A 231 -24.62 -20.40 -8.82
C GLY A 231 -25.63 -20.70 -7.73
N SER A 232 -25.18 -20.69 -6.48
CA SER A 232 -26.06 -21.00 -5.37
C SER A 232 -26.74 -19.83 -4.68
N ARG A 233 -27.58 -20.20 -3.69
CA ARG A 233 -28.30 -19.27 -2.83
C ARG A 233 -27.92 -19.68 -1.42
N GLN A 234 -27.77 -18.72 -0.52
CA GLN A 234 -27.39 -18.98 0.86
C GLN A 234 -27.99 -17.97 1.84
N PRO A 235 -28.31 -18.42 3.06
CA PRO A 235 -28.87 -17.49 4.04
C PRO A 235 -28.05 -16.22 4.27
N VAL A 236 -28.76 -15.10 4.33
CA VAL A 236 -28.20 -13.77 4.56
C VAL A 236 -27.03 -13.69 5.56
N ASP A 237 -27.00 -14.60 6.53
CA ASP A 237 -25.92 -14.59 7.51
C ASP A 237 -24.64 -15.26 7.01
N ASN A 238 -24.66 -15.75 5.77
CA ASN A 238 -23.52 -16.42 5.16
C ASN A 238 -22.74 -15.49 4.23
N TYR A 239 -22.82 -14.17 4.48
CA TYR A 239 -22.11 -13.23 3.61
C TYR A 239 -20.64 -13.51 3.43
N LYS A 240 -20.00 -14.06 4.45
CA LYS A 240 -18.57 -14.35 4.37
C LYS A 240 -18.28 -15.42 3.32
N THR A 241 -19.13 -16.43 3.24
CA THR A 241 -18.96 -17.49 2.25
C THR A 241 -19.91 -17.27 1.08
N CYS A 242 -20.28 -16.02 0.83
CA CYS A 242 -21.20 -15.70 -0.26
C CYS A 242 -21.44 -14.19 -0.46
N ASN A 243 -20.41 -13.51 -0.97
CA ASN A 243 -20.46 -12.08 -1.26
C ASN A 243 -19.84 -11.87 -2.64
N TRP A 244 -19.86 -10.65 -3.14
CA TRP A 244 -19.30 -10.40 -4.45
C TRP A 244 -17.95 -9.68 -4.34
N ALA A 245 -17.62 -9.21 -3.14
CA ALA A 245 -16.36 -8.52 -2.91
C ALA A 245 -16.24 -7.88 -1.52
N ARG A 246 -15.07 -7.31 -1.25
CA ARG A 246 -14.80 -6.64 0.01
C ARG A 246 -14.27 -5.25 -0.35
N VAL A 247 -14.84 -4.19 0.21
CA VAL A 247 -14.32 -2.88 -0.15
C VAL A 247 -13.89 -2.03 1.02
N ALA A 248 -13.15 -0.97 0.69
CA ALA A 248 -12.66 -0.02 1.67
C ALA A 248 -13.88 0.73 2.20
N ALA A 249 -13.95 0.87 3.52
CA ALA A 249 -15.05 1.57 4.15
C ALA A 249 -15.13 2.99 3.60
N HIS A 250 -16.28 3.63 3.79
CA HIS A 250 -16.44 4.98 3.33
C HIS A 250 -15.40 5.83 4.10
N ALA A 251 -14.95 6.92 3.50
CA ALA A 251 -13.94 7.74 4.15
C ALA A 251 -14.23 9.24 4.09
N VAL A 252 -13.72 9.98 5.07
CA VAL A 252 -13.90 11.43 5.10
C VAL A 252 -12.75 11.97 4.26
N VAL A 253 -13.07 12.68 3.18
CA VAL A 253 -12.00 13.23 2.36
C VAL A 253 -11.93 14.73 2.54
N ALA A 254 -10.73 15.27 2.38
CA ALA A 254 -10.52 16.70 2.50
C ALA A 254 -9.29 17.12 1.75
N ARG A 255 -9.02 18.42 1.85
CA ARG A 255 -7.90 19.05 1.22
C ARG A 255 -6.62 18.62 1.94
N ASP A 256 -5.56 18.49 1.16
CA ASP A 256 -4.26 18.09 1.67
C ASP A 256 -3.50 19.28 2.23
N ASP A 257 -4.02 19.90 3.29
CA ASP A 257 -3.36 21.05 3.90
C ASP A 257 -3.32 21.03 5.44
N ASN A 258 -2.70 22.06 6.02
CA ASN A 258 -2.58 22.17 7.48
C ASN A 258 -3.85 21.88 8.27
N LYS A 259 -5.02 22.21 7.72
CA LYS A 259 -6.27 21.94 8.44
C LYS A 259 -6.30 20.50 8.91
N VAL A 260 -6.40 19.59 7.93
CA VAL A 260 -6.45 18.15 8.14
C VAL A 260 -6.32 17.78 9.61
N GLU A 261 -5.12 17.95 10.14
CA GLU A 261 -4.80 17.65 11.53
C GLU A 261 -5.90 18.10 12.50
N ASP A 262 -6.36 19.34 12.33
CA ASP A 262 -7.41 19.87 13.20
C ASP A 262 -8.73 19.10 13.07
N ILE A 263 -9.20 18.91 11.85
CA ILE A 263 -10.45 18.17 11.62
C ILE A 263 -10.43 16.90 12.44
N TRP A 264 -9.34 16.14 12.32
CA TRP A 264 -9.21 14.90 13.06
C TRP A 264 -9.55 15.15 14.52
N SER A 265 -9.19 16.32 15.01
CA SER A 265 -9.48 16.67 16.39
C SER A 265 -10.98 16.76 16.56
N PHE A 266 -11.67 17.39 15.60
CA PHE A 266 -13.11 17.51 15.71
C PHE A 266 -13.80 16.14 15.67
N LEU A 267 -13.42 15.32 14.69
CA LEU A 267 -14.02 14.00 14.54
C LEU A 267 -13.64 13.08 15.70
N SER A 268 -12.47 13.30 16.27
CA SER A 268 -12.00 12.50 17.40
C SER A 268 -12.81 12.83 18.64
N LYS A 269 -12.92 14.12 18.97
CA LYS A 269 -13.70 14.52 20.13
C LYS A 269 -15.16 14.16 19.84
N ALA A 270 -15.54 14.30 18.56
CA ALA A 270 -16.90 14.01 18.14
C ALA A 270 -17.23 12.53 18.29
N GLN A 271 -16.22 11.67 18.30
CA GLN A 271 -16.42 10.25 18.45
C GLN A 271 -16.79 9.85 19.86
N SER A 272 -15.85 10.03 20.78
CA SER A 272 -16.10 9.67 22.18
C SER A 272 -17.42 10.25 22.73
N ASP A 273 -17.64 11.54 22.52
CA ASP A 273 -18.84 12.19 23.02
C ASP A 273 -20.17 11.76 22.39
N PHE A 274 -20.14 11.25 21.16
CA PHE A 274 -21.37 10.82 20.48
C PHE A 274 -21.16 9.49 19.75
N GLY A 275 -20.20 8.71 20.24
CA GLY A 275 -19.87 7.44 19.62
C GLY A 275 -20.91 6.35 19.73
N VAL A 276 -20.44 5.11 19.61
CA VAL A 276 -21.31 3.94 19.70
C VAL A 276 -21.74 3.73 21.16
N ASP A 277 -20.78 3.81 22.07
CA ASP A 277 -21.07 3.64 23.49
C ASP A 277 -21.65 4.89 24.12
N THR A 278 -21.90 5.91 23.31
CA THR A 278 -22.43 7.18 23.79
C THR A 278 -23.68 7.02 24.64
N LYS A 279 -24.01 8.06 25.39
CA LYS A 279 -25.19 8.07 26.24
C LYS A 279 -26.13 9.18 25.76
N SER A 280 -25.55 10.19 25.10
CA SER A 280 -26.33 11.30 24.58
C SER A 280 -27.47 10.80 23.70
N ASP A 281 -28.56 11.56 23.66
CA ASP A 281 -29.70 11.20 22.83
C ASP A 281 -29.25 11.28 21.40
N PHE A 282 -28.07 11.88 21.21
CA PHE A 282 -27.51 12.05 19.89
C PHE A 282 -26.47 11.02 19.50
N HIS A 283 -26.61 10.52 18.27
CA HIS A 283 -25.70 9.53 17.72
C HIS A 283 -25.01 10.01 16.45
N LEU A 284 -23.71 9.75 16.36
CA LEU A 284 -22.94 10.13 15.19
C LEU A 284 -23.19 9.01 14.17
N PHE A 285 -23.22 7.78 14.66
CA PHE A 285 -23.45 6.63 13.81
C PHE A 285 -24.84 6.09 14.10
N GLY A 286 -25.69 6.05 13.07
CA GLY A 286 -27.04 5.56 13.21
C GLY A 286 -27.72 6.04 14.47
N PRO A 287 -28.04 5.13 15.42
CA PRO A 287 -27.77 3.69 15.32
C PRO A 287 -28.53 2.97 14.20
N PRO A 288 -28.16 1.72 13.92
CA PRO A 288 -28.82 0.93 12.87
C PRO A 288 -30.26 0.51 13.15
N GLY A 289 -30.69 -0.57 12.50
CA GLY A 289 -32.04 -1.10 12.67
C GLY A 289 -33.13 -0.56 11.77
N LYS A 290 -34.30 -1.20 11.82
CA LYS A 290 -35.47 -0.81 11.04
C LYS A 290 -35.71 0.68 11.27
N LYS A 291 -36.27 1.33 10.25
CA LYS A 291 -36.54 2.77 10.34
C LYS A 291 -36.81 3.32 8.92
N ASP A 292 -37.08 4.61 8.82
CA ASP A 292 -37.35 5.22 7.52
C ASP A 292 -36.07 5.24 6.72
N PRO A 293 -36.06 4.66 5.51
CA PRO A 293 -34.84 4.67 4.69
C PRO A 293 -34.26 6.08 4.58
N VAL A 294 -35.15 7.06 4.50
CA VAL A 294 -34.78 8.47 4.39
C VAL A 294 -33.98 8.97 5.61
N LEU A 295 -33.88 8.18 6.67
CA LEU A 295 -33.13 8.62 7.84
C LEU A 295 -31.90 7.75 8.13
N LYS A 296 -31.64 6.77 7.26
CA LYS A 296 -30.49 5.90 7.43
C LYS A 296 -29.28 6.38 6.62
N ASP A 297 -28.11 6.27 7.24
CA ASP A 297 -26.85 6.66 6.63
C ASP A 297 -26.74 8.16 6.45
N LEU A 298 -26.95 8.90 7.53
CA LEU A 298 -26.85 10.35 7.46
C LEU A 298 -25.44 10.75 7.93
N LEU A 299 -24.73 11.45 7.05
CA LEU A 299 -23.35 11.90 7.28
C LEU A 299 -22.40 10.71 7.38
N PHE A 300 -22.79 9.73 8.19
CA PHE A 300 -22.00 8.51 8.35
C PHE A 300 -22.97 7.33 8.30
N LYS A 301 -22.55 6.22 7.69
CA LYS A 301 -23.42 5.05 7.59
C LYS A 301 -23.73 4.57 9.01
N ASP A 302 -24.96 4.13 9.24
CA ASP A 302 -25.35 3.66 10.56
C ASP A 302 -24.57 2.41 10.97
N SER A 303 -23.91 1.77 10.03
CA SER A 303 -23.14 0.57 10.31
C SER A 303 -21.71 0.85 10.82
N ALA A 304 -21.30 2.11 10.81
CA ALA A 304 -19.96 2.47 11.30
C ALA A 304 -19.98 2.37 12.82
N ILE A 305 -18.81 2.11 13.39
CA ILE A 305 -18.71 2.01 14.83
C ILE A 305 -17.59 2.90 15.35
N MET A 306 -16.78 3.40 14.42
CA MET A 306 -15.67 4.30 14.73
C MET A 306 -15.11 4.95 13.48
N LEU A 307 -14.08 5.76 13.68
CA LEU A 307 -13.38 6.44 12.61
C LEU A 307 -11.90 6.18 12.91
N LYS A 308 -11.19 5.64 11.92
CA LYS A 308 -9.79 5.37 12.10
C LYS A 308 -9.03 6.43 11.34
N ARG A 309 -8.07 7.07 12.00
CA ARG A 309 -7.27 8.09 11.34
C ARG A 309 -6.50 7.38 10.25
N VAL A 310 -6.37 8.01 9.11
CA VAL A 310 -5.64 7.41 8.01
C VAL A 310 -4.24 8.00 7.91
N PRO A 311 -3.22 7.13 7.91
CA PRO A 311 -1.84 7.60 7.81
C PRO A 311 -1.71 8.67 6.71
N SER A 312 -0.93 9.69 6.98
CA SER A 312 -0.74 10.82 6.08
C SER A 312 -0.22 10.53 4.68
N LEU A 313 0.47 9.41 4.53
CA LEU A 313 1.04 9.01 3.25
C LEU A 313 -0.04 8.54 2.28
N MET A 314 -1.21 8.23 2.83
CA MET A 314 -2.34 7.73 2.06
C MET A 314 -3.01 8.65 1.08
N ASP A 315 -3.23 8.14 -0.13
CA ASP A 315 -3.97 8.89 -1.14
C ASP A 315 -5.07 7.91 -1.58
N SER A 316 -6.18 8.44 -2.10
CA SER A 316 -7.28 7.58 -2.50
C SER A 316 -6.87 6.33 -3.29
N GLN A 317 -6.07 6.50 -4.33
CA GLN A 317 -5.67 5.37 -5.14
C GLN A 317 -5.04 4.23 -4.34
N LEU A 318 -4.34 4.58 -3.28
CA LEU A 318 -3.66 3.62 -2.40
C LEU A 318 -4.75 2.98 -1.57
N TYR A 319 -5.68 3.81 -1.16
CA TYR A 319 -6.81 3.44 -0.33
C TYR A 319 -7.71 2.33 -0.87
N LEU A 320 -8.21 2.49 -2.09
CA LEU A 320 -9.10 1.52 -2.71
C LEU A 320 -8.43 0.18 -3.06
N GLY A 321 -7.13 0.23 -3.36
CA GLY A 321 -6.42 -0.99 -3.70
C GLY A 321 -6.32 -1.11 -5.19
N PHE A 322 -5.23 -1.69 -5.71
CA PHE A 322 -5.05 -1.79 -7.15
C PHE A 322 -6.17 -2.48 -7.92
N GLU A 323 -6.70 -3.56 -7.39
CA GLU A 323 -7.75 -4.25 -8.14
C GLU A 323 -9.03 -3.42 -8.30
N TYR A 324 -9.62 -2.96 -7.20
CA TYR A 324 -10.83 -2.18 -7.27
C TYR A 324 -10.65 -0.90 -8.07
N TYR A 325 -9.54 -0.20 -7.80
CA TYR A 325 -9.21 1.03 -8.50
C TYR A 325 -9.10 0.82 -10.00
N SER A 326 -8.63 -0.34 -10.43
CA SER A 326 -8.49 -0.62 -11.85
C SER A 326 -9.84 -0.97 -12.45
N ALA A 327 -10.70 -1.51 -11.61
CA ALA A 327 -12.03 -1.89 -12.04
C ALA A 327 -12.81 -0.63 -12.37
N ILE A 328 -12.81 0.31 -11.42
CA ILE A 328 -13.50 1.57 -11.59
C ILE A 328 -13.00 2.27 -12.86
N GLN A 329 -11.73 2.06 -13.18
CA GLN A 329 -11.13 2.65 -14.37
C GLN A 329 -11.75 1.96 -15.59
N SER A 330 -11.59 0.64 -15.65
CA SER A 330 -12.11 -0.20 -16.73
C SER A 330 -13.40 0.30 -17.38
N MET A 331 -14.35 0.72 -16.54
CA MET A 331 -15.65 1.18 -17.01
C MET A 331 -15.72 2.64 -17.40
N ARG A 332 -14.58 3.32 -17.40
CA ARG A 332 -14.50 4.73 -17.77
C ARG A 332 -13.76 4.88 -19.08
N LYS A 333 -12.91 3.89 -19.35
CA LYS A 333 -12.08 3.87 -20.54
C LYS A 333 -12.27 2.59 -21.34
N ASP A 334 -11.98 2.64 -22.63
CA ASP A 334 -12.11 1.44 -23.46
C ASP A 334 -10.92 0.52 -23.17
N GLN A 335 -11.00 -0.73 -23.62
CA GLN A 335 -9.93 -1.69 -23.41
C GLN A 335 -9.05 -1.80 -24.66
N LEU A 336 -9.35 -2.75 -25.54
CA LEU A 336 -8.58 -2.98 -26.78
C LEU A 336 -7.19 -2.37 -26.72
N THR A 337 -7.14 -1.04 -26.70
CA THR A 337 -5.90 -0.28 -26.62
C THR A 337 -4.77 -0.94 -25.83
N PRO A 338 -4.77 -0.86 -24.48
CA PRO A 338 -3.70 -1.46 -23.70
C PRO A 338 -2.54 -2.10 -24.47
N SER A 339 -2.39 -3.42 -24.40
CA SER A 339 -1.28 -4.09 -25.08
C SER A 339 0.00 -3.34 -24.65
N PRO A 340 0.41 -2.27 -25.36
CA PRO A 340 1.61 -1.63 -24.84
C PRO A 340 1.49 -1.34 -23.35
N ARG A 341 2.62 -1.51 -22.66
CA ARG A 341 2.77 -1.32 -21.21
C ARG A 341 3.10 -2.67 -20.60
N GLU A 342 2.11 -3.56 -20.64
CA GLU A 342 2.21 -4.89 -20.08
C GLU A 342 3.10 -5.87 -20.83
N ASN A 343 4.40 -5.60 -20.88
CA ASN A 343 5.38 -6.48 -21.55
C ASN A 343 6.77 -5.87 -21.62
N ARG A 344 7.09 -5.08 -20.61
CA ARG A 344 8.37 -4.43 -20.47
C ARG A 344 8.32 -4.10 -19.00
N ILE A 345 9.35 -4.46 -18.26
CA ILE A 345 9.35 -4.19 -16.84
C ILE A 345 9.69 -2.73 -16.59
N GLN A 346 8.94 -2.11 -15.69
CA GLN A 346 9.17 -0.71 -15.35
C GLN A 346 9.96 -0.74 -14.04
N TRP A 347 11.29 -0.85 -14.15
CA TRP A 347 12.18 -0.92 -12.99
C TRP A 347 12.27 0.41 -12.25
N CYS A 348 12.29 0.36 -10.93
CA CYS A 348 12.36 1.56 -10.12
C CYS A 348 13.78 1.86 -9.70
N ALA A 349 14.30 2.98 -10.18
CA ALA A 349 15.65 3.41 -9.87
C ALA A 349 15.66 4.50 -8.78
N VAL A 350 16.63 4.42 -7.88
CA VAL A 350 16.77 5.38 -6.78
C VAL A 350 18.05 6.18 -6.88
N GLY A 351 17.91 7.50 -7.05
CA GLY A 351 19.07 8.35 -7.15
C GLY A 351 19.55 8.54 -8.59
N LYS A 352 20.45 9.51 -8.76
CA LYS A 352 21.02 9.83 -10.06
C LYS A 352 21.82 8.68 -10.63
N ASP A 353 22.70 8.13 -9.81
CA ASP A 353 23.57 7.05 -10.22
C ASP A 353 22.83 5.81 -10.71
N GLU A 354 21.67 5.55 -10.13
CA GLU A 354 20.88 4.38 -10.51
C GLU A 354 20.07 4.62 -11.75
N LYS A 355 19.45 5.79 -11.86
CA LYS A 355 18.67 6.05 -13.06
C LYS A 355 19.59 5.93 -14.25
N SER A 356 20.78 6.50 -14.12
CA SER A 356 21.74 6.47 -15.22
C SER A 356 22.09 5.04 -15.62
N LYS A 357 22.26 4.16 -14.64
CA LYS A 357 22.59 2.78 -14.95
C LYS A 357 21.32 2.14 -15.54
N CYS A 358 20.17 2.55 -15.02
CA CYS A 358 18.92 1.99 -15.51
C CYS A 358 18.64 2.47 -16.93
N ASP A 359 18.91 3.75 -17.17
CA ASP A 359 18.71 4.37 -18.50
C ASP A 359 19.41 3.49 -19.53
N ARG A 360 20.68 3.18 -19.24
CA ARG A 360 21.51 2.35 -20.10
C ARG A 360 20.84 1.01 -20.36
N TRP A 361 20.27 0.45 -19.30
CA TRP A 361 19.60 -0.82 -19.40
C TRP A 361 18.34 -0.68 -20.25
N SER A 362 17.68 0.46 -20.16
CA SER A 362 16.46 0.65 -20.95
C SER A 362 16.75 0.59 -22.44
N VAL A 363 17.79 1.29 -22.89
CA VAL A 363 18.14 1.29 -24.30
C VAL A 363 18.71 -0.05 -24.74
N VAL A 364 19.62 -0.60 -23.95
CA VAL A 364 20.23 -1.88 -24.27
C VAL A 364 19.15 -2.96 -24.41
N SER A 365 18.10 -2.86 -23.60
CA SER A 365 17.00 -3.80 -23.65
C SER A 365 16.07 -3.40 -24.78
N ASN A 366 16.48 -2.36 -25.53
CA ASN A 366 15.72 -1.82 -26.66
C ASN A 366 14.26 -1.42 -26.37
N GLY A 367 13.86 -1.52 -25.11
CA GLY A 367 12.50 -1.16 -24.75
C GLY A 367 11.91 -2.11 -23.72
N ASP A 368 12.46 -3.32 -23.63
CA ASP A 368 12.01 -4.34 -22.68
C ASP A 368 12.01 -3.85 -21.24
N VAL A 369 12.69 -2.74 -20.99
CA VAL A 369 12.77 -2.16 -19.64
C VAL A 369 12.78 -0.65 -19.71
N GLU A 370 11.92 -0.04 -18.92
CA GLU A 370 11.86 1.41 -18.87
C GLU A 370 12.09 1.72 -17.41
N CYS A 371 12.63 2.89 -17.11
CA CYS A 371 12.93 3.25 -15.73
C CYS A 371 12.11 4.37 -15.11
N THR A 372 12.09 4.39 -13.78
CA THR A 372 11.39 5.43 -13.04
C THR A 372 12.24 5.83 -11.84
N VAL A 373 12.83 7.01 -11.90
CA VAL A 373 13.69 7.48 -10.82
C VAL A 373 12.90 8.05 -9.66
N VAL A 374 13.39 7.77 -8.46
CA VAL A 374 12.79 8.26 -7.25
C VAL A 374 13.96 8.66 -6.35
N ASP A 375 13.69 9.40 -5.28
CA ASP A 375 14.78 9.81 -4.39
C ASP A 375 14.88 8.87 -3.19
N GLU A 376 13.73 8.58 -2.58
CA GLU A 376 13.66 7.69 -1.42
C GLU A 376 13.36 6.26 -1.86
N THR A 377 14.16 5.31 -1.37
CA THR A 377 13.98 3.89 -1.73
C THR A 377 12.58 3.38 -1.43
N LYS A 378 11.86 4.06 -0.53
CA LYS A 378 10.52 3.64 -0.19
C LYS A 378 9.57 4.12 -1.29
N ASP A 379 9.98 5.16 -2.01
CA ASP A 379 9.15 5.69 -3.09
C ASP A 379 8.90 4.56 -4.07
N CYS A 380 9.91 3.73 -4.26
CA CYS A 380 9.75 2.60 -5.16
C CYS A 380 8.51 1.79 -4.77
N ILE A 381 8.52 1.24 -3.56
CA ILE A 381 7.41 0.44 -3.04
C ILE A 381 6.04 1.01 -3.42
N ILE A 382 5.80 2.26 -3.05
CA ILE A 382 4.53 2.90 -3.34
C ILE A 382 4.25 2.98 -4.84
N LYS A 383 5.29 3.13 -5.65
CA LYS A 383 5.10 3.21 -7.10
C LYS A 383 4.69 1.84 -7.66
N ILE A 384 5.22 0.77 -7.06
CA ILE A 384 4.88 -0.58 -7.51
C ILE A 384 3.46 -0.94 -7.07
N MET A 385 3.10 -0.55 -5.85
CA MET A 385 1.76 -0.82 -5.35
C MET A 385 0.72 -0.26 -6.31
N LYS A 386 0.85 1.01 -6.67
CA LYS A 386 -0.09 1.68 -7.57
C LYS A 386 -0.08 1.13 -8.99
N GLY A 387 1.02 0.48 -9.34
CA GLY A 387 1.13 -0.07 -10.67
C GLY A 387 1.88 0.89 -11.60
N GLU A 388 2.36 1.99 -11.04
CA GLU A 388 3.09 2.97 -11.83
C GLU A 388 4.50 2.44 -12.02
N ALA A 389 4.81 1.34 -11.33
CA ALA A 389 6.12 0.72 -11.42
C ALA A 389 5.94 -0.79 -11.18
N ASP A 390 6.81 -1.60 -11.79
CA ASP A 390 6.70 -3.06 -11.66
C ASP A 390 7.68 -3.76 -10.72
N ALA A 391 8.92 -3.27 -10.60
CA ALA A 391 9.86 -4.00 -9.75
C ALA A 391 11.11 -3.27 -9.30
N VAL A 392 11.63 -3.69 -8.15
CA VAL A 392 12.86 -3.12 -7.58
C VAL A 392 13.50 -4.19 -6.69
N ALA A 393 14.83 -4.27 -6.69
CA ALA A 393 15.49 -5.26 -5.85
C ALA A 393 15.78 -4.64 -4.48
N LEU A 394 15.20 -5.21 -3.43
CA LEU A 394 15.40 -4.67 -2.10
C LEU A 394 16.33 -5.50 -1.21
N ASP A 395 16.93 -4.82 -0.25
CA ASP A 395 17.81 -5.46 0.70
C ASP A 395 16.88 -6.25 1.61
N GLY A 396 17.40 -7.28 2.27
CA GLY A 396 16.59 -8.11 3.15
C GLY A 396 15.69 -7.36 4.12
N GLY A 397 16.16 -6.23 4.62
CA GLY A 397 15.40 -5.45 5.57
C GLY A 397 14.22 -4.70 4.99
N LEU A 398 14.34 -4.25 3.74
CA LEU A 398 13.25 -3.51 3.10
C LEU A 398 12.24 -4.45 2.47
N VAL A 399 12.67 -5.64 2.11
CA VAL A 399 11.76 -6.63 1.55
C VAL A 399 10.62 -6.83 2.55
N TYR A 400 10.95 -6.75 3.83
CA TYR A 400 9.97 -6.88 4.90
C TYR A 400 8.85 -5.84 4.74
N THR A 401 9.22 -4.57 4.61
CA THR A 401 8.21 -3.53 4.45
C THR A 401 7.45 -3.70 3.14
N ALA A 402 8.17 -4.05 2.07
CA ALA A 402 7.54 -4.28 0.77
C ALA A 402 6.49 -5.38 0.97
N GLY A 403 6.84 -6.37 1.79
CA GLY A 403 5.93 -7.47 2.08
C GLY A 403 4.68 -7.00 2.80
N VAL A 404 4.87 -6.25 3.88
CA VAL A 404 3.77 -5.70 4.64
C VAL A 404 2.87 -4.92 3.68
N CYS A 405 3.49 -4.30 2.70
CA CYS A 405 2.75 -3.49 1.73
C CYS A 405 2.12 -4.29 0.61
N GLY A 406 2.19 -5.62 0.68
CA GLY A 406 1.57 -6.43 -0.35
C GLY A 406 2.42 -6.88 -1.52
N LEU A 407 3.69 -6.50 -1.56
CA LEU A 407 4.59 -6.90 -2.64
C LEU A 407 5.25 -8.23 -2.30
N VAL A 408 5.37 -9.12 -3.29
CA VAL A 408 5.99 -10.42 -3.06
C VAL A 408 7.32 -10.56 -3.78
N PRO A 409 8.27 -11.31 -3.16
CA PRO A 409 9.61 -11.57 -3.70
C PRO A 409 9.49 -12.66 -4.77
N VAL A 410 9.89 -12.35 -5.99
CA VAL A 410 9.75 -13.27 -7.09
C VAL A 410 11.09 -13.79 -7.62
N MET A 411 12.13 -12.99 -7.48
CA MET A 411 13.46 -13.38 -7.93
C MET A 411 14.45 -12.90 -6.87
N ALA A 412 15.48 -13.70 -6.57
CA ALA A 412 16.48 -13.31 -5.58
C ALA A 412 17.90 -13.51 -6.13
N GLU A 413 18.82 -12.66 -5.70
CA GLU A 413 20.19 -12.73 -6.16
C GLU A 413 20.99 -13.81 -5.43
N ARG A 414 21.93 -14.44 -6.12
CA ARG A 414 22.77 -15.45 -5.49
C ARG A 414 24.19 -14.90 -5.55
N TYR A 415 24.96 -15.15 -4.50
CA TYR A 415 26.31 -14.63 -4.45
C TYR A 415 27.41 -15.69 -4.55
N ASP A 416 27.03 -16.95 -4.43
CA ASP A 416 27.99 -18.06 -4.45
C ASP A 416 28.69 -18.38 -5.78
N ASP A 417 27.90 -18.68 -6.80
CA ASP A 417 28.45 -19.08 -8.09
C ASP A 417 27.44 -18.71 -9.20
N GLU A 418 27.93 -18.03 -10.24
CA GLU A 418 27.08 -17.61 -11.35
C GLU A 418 26.30 -18.79 -11.93
N SER A 419 26.67 -19.98 -11.49
CA SER A 419 26.04 -21.22 -11.92
C SER A 419 25.35 -21.94 -10.76
N GLN A 420 24.42 -21.27 -10.09
CA GLN A 420 23.71 -21.90 -8.95
C GLN A 420 22.28 -21.38 -8.75
N CYS A 421 21.72 -20.74 -9.78
CA CYS A 421 20.36 -20.21 -9.69
C CYS A 421 19.35 -21.21 -10.24
N SER A 422 19.88 -22.32 -10.76
CA SER A 422 19.06 -23.40 -11.29
C SER A 422 19.46 -24.64 -10.50
N LYS A 423 19.48 -24.50 -9.18
CA LYS A 423 19.87 -25.60 -8.28
C LYS A 423 18.71 -26.44 -7.78
N THR A 424 19.04 -27.46 -6.99
CA THR A 424 18.04 -28.38 -6.42
C THR A 424 18.24 -28.55 -4.91
N ASP A 425 19.20 -29.39 -4.55
CA ASP A 425 19.53 -29.66 -3.14
C ASP A 425 20.29 -28.45 -2.56
N GLU A 426 21.16 -27.87 -3.37
CA GLU A 426 21.92 -26.68 -2.97
C GLU A 426 20.89 -25.55 -3.06
N ARG A 427 19.97 -25.51 -2.09
CA ARG A 427 18.89 -24.53 -2.03
C ARG A 427 19.17 -23.19 -1.33
N PRO A 428 19.86 -23.22 -0.18
CA PRO A 428 20.18 -22.02 0.60
C PRO A 428 20.90 -20.92 -0.18
N ALA A 429 20.37 -19.72 -0.08
CA ALA A 429 20.96 -18.57 -0.73
C ALA A 429 21.08 -17.56 0.40
N SER A 430 22.29 -17.09 0.68
CA SER A 430 22.48 -16.13 1.75
C SER A 430 23.84 -15.48 1.72
N TYR A 431 24.07 -14.63 2.73
CA TYR A 431 25.35 -13.95 2.92
C TYR A 431 25.53 -13.69 4.42
N PHE A 432 26.69 -13.17 4.82
CA PHE A 432 26.92 -12.90 6.24
C PHE A 432 27.21 -11.44 6.56
N ALA A 433 26.74 -10.99 7.73
CA ALA A 433 27.01 -9.62 8.16
C ALA A 433 28.29 -9.67 9.02
N VAL A 434 29.15 -8.66 8.88
CA VAL A 434 30.40 -8.65 9.63
C VAL A 434 30.82 -7.28 10.16
N ALA A 435 31.55 -7.29 11.27
CA ALA A 435 32.03 -6.06 11.87
C ALA A 435 33.50 -5.93 11.48
N VAL A 436 33.83 -4.89 10.73
CA VAL A 436 35.20 -4.69 10.26
C VAL A 436 35.98 -3.55 10.96
N ALA A 437 37.26 -3.79 11.20
CA ALA A 437 38.15 -2.82 11.85
C ALA A 437 39.59 -2.87 11.30
N ARG A 438 40.39 -1.89 11.69
CA ARG A 438 41.78 -1.77 11.24
C ARG A 438 42.69 -2.82 11.87
N LYS A 439 43.94 -2.86 11.43
CA LYS A 439 44.92 -3.82 11.94
C LYS A 439 45.53 -3.34 13.27
N ASP A 440 46.11 -2.14 13.25
CA ASP A 440 46.71 -1.57 14.44
C ASP A 440 45.62 -1.22 15.42
N SER A 441 44.40 -1.10 14.92
CA SER A 441 43.28 -0.76 15.76
C SER A 441 43.30 -1.53 17.09
N ASN A 442 42.82 -0.87 18.13
CA ASN A 442 42.71 -1.45 19.49
C ASN A 442 41.23 -1.44 19.83
N VAL A 443 40.41 -1.82 18.85
CA VAL A 443 38.96 -1.88 19.00
C VAL A 443 38.54 -3.35 18.96
N ASN A 444 37.71 -3.76 19.91
CA ASN A 444 37.22 -5.12 19.92
C ASN A 444 35.72 -4.91 20.02
N TRP A 445 34.93 -5.91 19.66
CA TRP A 445 33.48 -5.79 19.71
C TRP A 445 32.96 -5.24 21.04
N ASN A 446 33.70 -5.49 22.12
CA ASN A 446 33.29 -5.05 23.45
C ASN A 446 33.96 -3.76 23.89
N ASN A 447 34.37 -2.97 22.90
CA ASN A 447 35.02 -1.69 23.15
C ASN A 447 34.15 -0.61 22.52
N LEU A 448 33.32 -1.04 21.57
CA LEU A 448 32.43 -0.14 20.84
C LEU A 448 31.59 0.73 21.77
N LYS A 449 31.82 0.64 23.07
CA LYS A 449 31.06 1.43 24.03
C LYS A 449 31.25 2.92 23.80
N GLY A 450 32.13 3.29 22.88
CA GLY A 450 32.36 4.70 22.60
C GLY A 450 33.21 4.97 21.36
N LYS A 451 33.33 3.98 20.48
CA LYS A 451 34.12 4.16 19.27
C LYS A 451 33.28 4.85 18.17
N LYS A 452 33.92 5.12 17.04
CA LYS A 452 33.23 5.75 15.93
C LYS A 452 32.79 4.62 14.99
N SER A 453 31.53 4.66 14.54
CA SER A 453 31.01 3.58 13.66
C SER A 453 30.49 3.99 12.27
N CYS A 454 30.54 3.04 11.33
CA CYS A 454 30.09 3.29 9.96
C CYS A 454 29.00 2.31 9.51
N HIS A 455 27.83 2.83 9.15
CA HIS A 455 26.73 1.97 8.71
C HIS A 455 26.36 2.23 7.25
N THR A 456 25.91 1.19 6.56
CA THR A 456 25.53 1.29 5.15
C THR A 456 24.32 2.18 4.95
N ALA A 457 23.26 1.90 5.67
CA ALA A 457 22.03 2.67 5.61
C ALA A 457 21.18 2.14 6.74
N VAL A 458 20.35 2.99 7.30
CA VAL A 458 19.51 2.58 8.41
C VAL A 458 18.36 1.75 7.88
N GLY A 459 18.22 0.56 8.46
CA GLY A 459 17.14 -0.34 8.07
C GLY A 459 17.63 -1.50 7.23
N ARG A 460 18.88 -1.47 6.80
CA ARG A 460 19.40 -2.57 6.00
C ARG A 460 19.96 -3.69 6.87
N THR A 461 19.96 -4.88 6.29
CA THR A 461 20.41 -6.10 6.95
C THR A 461 21.73 -6.02 7.69
N ALA A 462 22.81 -5.97 6.92
CA ALA A 462 24.16 -5.93 7.46
C ALA A 462 24.57 -4.63 8.18
N GLY A 463 24.29 -3.48 7.58
CA GLY A 463 24.71 -2.24 8.20
C GLY A 463 23.89 -1.73 9.37
N TRP A 464 22.75 -2.33 9.65
CA TRP A 464 21.92 -1.83 10.73
C TRP A 464 21.05 -2.84 11.45
N VAL A 465 20.12 -3.45 10.73
CA VAL A 465 19.24 -4.42 11.34
C VAL A 465 20.05 -5.33 12.23
N ILE A 466 20.81 -6.23 11.62
CA ILE A 466 21.62 -7.15 12.41
C ILE A 466 22.47 -6.49 13.50
N PRO A 467 23.30 -5.51 13.14
CA PRO A 467 24.14 -4.83 14.14
C PRO A 467 23.32 -4.32 15.30
N MET A 468 22.52 -3.30 15.02
CA MET A 468 21.67 -2.69 16.04
C MET A 468 20.78 -3.72 16.66
N GLY A 469 20.51 -4.79 15.93
CA GLY A 469 19.66 -5.83 16.49
C GLY A 469 20.36 -6.41 17.70
N LEU A 470 21.65 -6.70 17.55
CA LEU A 470 22.44 -7.26 18.64
C LEU A 470 22.50 -6.33 19.83
N ILE A 471 22.27 -5.04 19.60
CA ILE A 471 22.25 -4.06 20.68
C ILE A 471 20.85 -4.11 21.32
N HIS A 472 19.82 -3.86 20.51
CA HIS A 472 18.45 -3.89 20.99
C HIS A 472 18.08 -5.17 21.75
N ASN A 473 18.75 -6.27 21.41
CA ASN A 473 18.52 -7.55 22.05
C ASN A 473 19.29 -7.56 23.37
N ARG A 474 20.43 -6.89 23.36
CA ARG A 474 21.27 -6.76 24.54
C ARG A 474 20.62 -5.72 25.44
N THR A 475 20.94 -4.45 25.18
CA THR A 475 20.42 -3.32 25.93
C THR A 475 18.94 -3.45 26.21
N GLY A 476 18.20 -4.00 25.24
CA GLY A 476 16.76 -4.15 25.39
C GLY A 476 16.10 -2.81 25.13
N THR A 477 16.93 -1.84 24.71
CA THR A 477 16.51 -0.47 24.42
C THR A 477 16.18 -0.28 22.92
N CYS A 478 15.62 0.89 22.59
CA CYS A 478 15.27 1.23 21.21
C CYS A 478 16.16 2.37 20.70
N ASN A 479 16.60 3.22 21.62
CA ASN A 479 17.46 4.34 21.24
C ASN A 479 18.82 3.80 20.81
N PHE A 480 19.20 4.06 19.56
CA PHE A 480 20.47 3.57 19.04
C PHE A 480 21.50 4.66 18.82
N ASP A 481 21.03 5.89 18.64
CA ASP A 481 21.91 7.03 18.40
C ASP A 481 22.97 7.24 19.48
N GLU A 482 22.62 6.93 20.73
CA GLU A 482 23.53 7.13 21.85
C GLU A 482 24.29 5.88 22.27
N TYR A 483 25.04 5.28 21.35
CA TYR A 483 25.83 4.09 21.69
C TYR A 483 27.27 4.21 21.23
N PHE A 484 27.51 5.12 20.28
CA PHE A 484 28.87 5.35 19.79
C PHE A 484 29.05 6.85 19.96
N SER A 485 30.28 7.28 20.20
CA SER A 485 30.51 8.71 20.34
C SER A 485 30.02 9.35 19.04
N GLU A 486 30.25 8.65 17.93
CA GLU A 486 29.84 9.16 16.63
C GLU A 486 30.03 8.11 15.51
N GLY A 487 29.27 8.27 14.42
CA GLY A 487 29.37 7.38 13.29
C GLY A 487 28.67 7.93 12.05
N CYS A 488 28.21 7.04 11.16
CA CYS A 488 27.50 7.46 9.95
C CYS A 488 26.60 6.33 9.41
N ALA A 489 25.33 6.65 9.23
CA ALA A 489 24.36 5.68 8.75
C ALA A 489 23.25 6.39 7.96
N PRO A 490 23.42 6.54 6.62
CA PRO A 490 22.45 7.20 5.75
C PRO A 490 21.03 6.98 6.19
N GLY A 491 20.13 7.87 5.80
CA GLY A 491 18.73 7.72 6.18
C GLY A 491 18.52 8.04 7.65
N SER A 492 19.62 8.23 8.39
CA SER A 492 19.58 8.54 9.81
C SER A 492 19.38 10.04 10.09
N PRO A 493 18.91 10.36 11.31
CA PRO A 493 18.63 11.71 11.82
C PRO A 493 19.68 12.70 11.36
N PRO A 494 19.33 13.55 10.39
CA PRO A 494 20.30 14.55 9.90
C PRO A 494 21.12 15.20 11.01
N ASN A 495 20.46 15.61 12.07
CA ASN A 495 21.13 16.25 13.21
C ASN A 495 21.35 15.23 14.34
N SER A 496 22.32 14.33 14.16
CA SER A 496 22.59 13.31 15.17
C SER A 496 24.04 12.83 15.15
N ARG A 497 24.46 12.24 16.27
CA ARG A 497 25.81 11.71 16.42
C ARG A 497 26.16 10.83 15.23
N LEU A 498 25.17 10.08 14.75
CA LEU A 498 25.37 9.17 13.63
C LEU A 498 25.51 9.81 12.25
N CYS A 499 25.09 11.06 12.09
CA CYS A 499 25.27 11.72 10.80
C CYS A 499 26.57 12.49 10.84
N GLN A 500 27.05 12.75 12.05
CA GLN A 500 28.29 13.49 12.23
C GLN A 500 29.37 13.01 11.28
N LEU A 501 29.83 11.78 11.45
CA LEU A 501 30.89 11.23 10.60
C LEU A 501 30.54 11.21 9.12
N CYS A 502 29.24 11.29 8.79
CA CYS A 502 28.79 11.28 7.40
C CYS A 502 29.35 12.47 6.63
N GLN A 503 29.59 12.26 5.34
CA GLN A 503 30.16 13.31 4.49
C GLN A 503 29.23 14.07 3.54
N GLY A 504 28.07 13.53 3.21
CA GLY A 504 27.19 14.25 2.29
C GLY A 504 27.29 13.84 0.82
N SER A 505 27.03 14.78 -0.10
CA SER A 505 27.07 14.56 -1.57
C SER A 505 28.34 15.19 -2.14
N GLY A 506 28.63 16.36 -1.58
CA GLY A 506 29.79 17.13 -1.97
C GLY A 506 29.52 18.47 -2.63
N GLY A 507 28.29 18.76 -3.10
CA GLY A 507 28.05 20.03 -3.77
C GLY A 507 26.80 20.88 -3.50
N ILE A 508 26.17 21.35 -4.60
CA ILE A 508 24.97 22.22 -4.58
C ILE A 508 24.09 22.12 -3.32
N PRO A 509 23.15 21.15 -3.27
CA PRO A 509 22.31 21.04 -2.07
C PRO A 509 23.04 19.99 -1.23
N PRO A 510 23.52 20.34 -0.02
CA PRO A 510 24.21 19.27 0.71
C PRO A 510 23.98 17.81 0.30
N GLU A 511 23.07 17.21 1.07
CA GLU A 511 22.65 15.82 0.93
C GLU A 511 23.40 14.87 1.87
N LYS A 512 23.85 15.35 3.02
CA LYS A 512 24.59 14.50 3.99
C LYS A 512 23.66 13.62 4.81
N CYS A 513 24.00 12.34 4.87
CA CYS A 513 23.22 11.36 5.59
C CYS A 513 21.99 10.87 4.85
N VAL A 514 21.93 11.14 3.54
CA VAL A 514 20.79 10.70 2.73
C VAL A 514 20.91 9.20 2.42
N ALA A 515 19.78 8.51 2.31
CA ALA A 515 19.83 7.09 2.02
C ALA A 515 19.79 6.85 0.51
N SER A 516 20.89 7.19 -0.14
CA SER A 516 21.00 7.02 -1.59
C SER A 516 22.47 7.06 -1.97
N SER A 517 22.79 6.62 -3.18
CA SER A 517 24.18 6.62 -3.64
C SER A 517 24.78 8.02 -3.56
N HIS A 518 23.92 9.05 -3.54
CA HIS A 518 24.38 10.43 -3.43
C HIS A 518 25.32 10.67 -2.26
N GLU A 519 24.96 10.20 -1.06
CA GLU A 519 25.80 10.34 0.13
C GLU A 519 27.00 9.39 0.04
N LYS A 520 28.18 9.90 0.32
CA LYS A 520 29.43 9.12 0.23
C LYS A 520 29.56 7.83 1.03
N TYR A 521 29.26 7.86 2.33
CA TYR A 521 29.41 6.65 3.13
C TYR A 521 28.19 5.70 3.06
N PHE A 522 27.31 5.97 2.10
CA PHE A 522 26.11 5.16 1.88
C PHE A 522 26.42 3.83 1.16
N GLY A 523 25.90 2.73 1.68
CA GLY A 523 26.14 1.42 1.09
C GLY A 523 27.27 0.64 1.73
N TYR A 524 27.41 -0.62 1.32
CA TYR A 524 28.45 -1.51 1.84
C TYR A 524 29.87 -0.92 1.70
N THR A 525 30.22 -0.49 0.50
CA THR A 525 31.56 0.07 0.29
C THR A 525 31.66 1.49 0.82
N GLY A 526 30.53 2.19 0.86
CA GLY A 526 30.54 3.54 1.40
C GLY A 526 31.00 3.45 2.84
N ALA A 527 30.36 2.56 3.60
CA ALA A 527 30.70 2.37 5.00
C ALA A 527 32.15 1.97 5.13
N LEU A 528 32.59 1.11 4.22
CA LEU A 528 33.97 0.65 4.23
C LEU A 528 34.86 1.87 4.18
N ARG A 529 34.50 2.82 3.33
CA ARG A 529 35.26 4.05 3.19
C ARG A 529 35.32 4.79 4.53
N CYS A 530 34.14 5.06 5.07
CA CYS A 530 34.03 5.75 6.34
C CYS A 530 34.98 5.13 7.39
N LEU A 531 35.05 3.80 7.44
CA LEU A 531 35.94 3.13 8.38
C LEU A 531 37.37 3.60 8.12
N VAL A 532 37.78 3.44 6.87
CA VAL A 532 39.09 3.79 6.35
C VAL A 532 39.48 5.24 6.57
N GLU A 533 38.52 6.14 6.44
CA GLU A 533 38.82 7.55 6.61
C GLU A 533 37.83 8.32 7.46
N LYS A 534 37.79 8.01 8.76
CA LYS A 534 36.90 8.72 9.71
C LYS A 534 36.41 7.99 10.95
N GLY A 535 36.24 6.67 10.87
CA GLY A 535 35.74 5.95 12.03
C GLY A 535 36.60 4.82 12.57
N ASP A 536 36.05 4.04 13.48
CA ASP A 536 36.77 2.92 14.07
C ASP A 536 36.20 1.56 13.67
N VAL A 537 34.89 1.48 13.44
CA VAL A 537 34.23 0.25 13.00
C VAL A 537 33.30 0.48 11.81
N ALA A 538 33.21 -0.54 10.96
CA ALA A 538 32.34 -0.54 9.78
C ALA A 538 31.59 -1.87 9.89
N PHE A 539 30.28 -1.83 9.69
CA PHE A 539 29.44 -3.03 9.73
C PHE A 539 29.11 -3.27 8.29
N ILE A 540 29.24 -4.50 7.85
CA ILE A 540 29.04 -4.73 6.43
C ILE A 540 28.88 -6.18 6.01
N GLN A 541 28.94 -6.38 4.70
CA GLN A 541 28.83 -7.67 4.04
C GLN A 541 30.12 -8.43 4.32
N HIS A 542 30.13 -9.73 4.02
CA HIS A 542 31.31 -10.55 4.30
C HIS A 542 32.34 -10.41 3.20
N SER A 543 31.92 -9.86 2.07
CA SER A 543 32.82 -9.68 0.94
C SER A 543 33.19 -8.23 0.68
N THR A 544 32.64 -7.31 1.47
CA THR A 544 32.91 -5.89 1.29
C THR A 544 34.39 -5.52 1.24
N VAL A 545 35.14 -5.98 2.24
CA VAL A 545 36.57 -5.74 2.31
C VAL A 545 37.26 -6.23 1.03
N GLU A 546 37.02 -7.47 0.65
CA GLU A 546 37.64 -7.99 -0.56
C GLU A 546 37.28 -7.25 -1.85
N GLU A 547 36.11 -6.62 -1.89
CA GLU A 547 35.71 -5.91 -3.09
C GLU A 547 36.42 -4.57 -3.23
N ASN A 548 36.77 -3.94 -2.11
CA ASN A 548 37.44 -2.65 -2.18
C ASN A 548 38.97 -2.72 -2.13
N THR A 549 39.48 -3.93 -1.98
CA THR A 549 40.92 -4.16 -1.92
C THR A 549 41.33 -5.06 -3.07
N GLY A 550 42.61 -5.02 -3.42
CA GLY A 550 43.11 -5.85 -4.51
C GLY A 550 42.87 -5.21 -5.85
N GLY A 551 43.07 -3.90 -5.92
CA GLY A 551 42.87 -3.20 -7.17
C GLY A 551 41.44 -3.34 -7.67
N LYS A 552 40.58 -3.88 -6.83
CA LYS A 552 39.19 -4.04 -7.23
C LYS A 552 38.42 -2.72 -7.13
N ASN A 553 39.15 -1.64 -6.86
CA ASN A 553 38.57 -0.30 -6.75
C ASN A 553 39.73 0.70 -6.81
N LYS A 554 39.58 1.69 -7.69
CA LYS A 554 40.63 2.69 -7.85
C LYS A 554 40.20 4.08 -7.40
N ALA A 555 39.49 4.15 -6.28
CA ALA A 555 39.07 5.44 -5.76
C ALA A 555 40.27 6.02 -5.03
N ASP A 556 40.38 7.35 -4.97
CA ASP A 556 41.50 8.01 -4.31
C ASP A 556 42.00 7.28 -3.04
N TRP A 557 41.07 6.70 -2.28
CA TRP A 557 41.42 5.98 -1.04
C TRP A 557 41.80 4.51 -1.29
N ALA A 558 40.78 3.67 -1.46
CA ALA A 558 40.95 2.23 -1.69
C ALA A 558 42.09 1.86 -2.66
N LYS A 559 42.47 2.81 -3.50
CA LYS A 559 43.54 2.61 -4.48
C LYS A 559 44.73 1.82 -3.94
N ASN A 560 45.06 2.04 -2.67
CA ASN A 560 46.20 1.39 -2.03
C ASN A 560 45.87 0.38 -0.92
N LEU A 561 44.59 0.16 -0.66
CA LEU A 561 44.16 -0.76 0.40
C LEU A 561 44.45 -2.26 0.25
N GLN A 562 44.80 -2.89 1.36
CA GLN A 562 45.07 -4.33 1.40
C GLN A 562 44.19 -4.90 2.52
N MET A 563 43.81 -6.16 2.41
CA MET A 563 42.96 -6.75 3.45
C MET A 563 43.68 -7.37 4.63
N ASP A 564 44.66 -6.64 5.15
CA ASP A 564 45.42 -7.06 6.31
C ASP A 564 45.42 -5.83 7.19
N ASP A 565 45.10 -4.71 6.57
CA ASP A 565 45.02 -3.45 7.28
C ASP A 565 43.62 -3.43 7.87
N PHE A 566 42.95 -4.58 7.81
CA PHE A 566 41.60 -4.74 8.32
C PHE A 566 41.46 -6.07 9.05
N GLU A 567 40.58 -6.10 10.04
CA GLU A 567 40.31 -7.33 10.78
C GLU A 567 38.80 -7.37 11.10
N LEU A 568 38.25 -8.58 11.22
CA LEU A 568 36.83 -8.75 11.54
C LEU A 568 36.64 -8.78 13.04
N LEU A 569 35.48 -8.31 13.49
CA LEU A 569 35.15 -8.33 14.90
C LEU A 569 34.19 -9.49 15.11
N CYS A 570 34.70 -10.48 15.83
CA CYS A 570 33.96 -11.70 16.13
C CYS A 570 32.97 -11.50 17.24
N THR A 571 31.72 -11.83 16.90
CA THR A 571 30.58 -11.71 17.78
C THR A 571 30.99 -11.33 19.20
N ASP A 572 31.81 -12.17 19.84
CA ASP A 572 32.32 -11.88 21.17
C ASP A 572 33.72 -12.43 21.36
N GLY A 573 34.58 -11.58 21.91
CA GLY A 573 35.94 -12.00 22.17
C GLY A 573 36.98 -11.37 21.28
N ARG A 574 37.49 -12.17 20.36
CA ARG A 574 38.56 -11.71 19.50
C ARG A 574 38.19 -11.22 18.11
N ARG A 575 39.23 -11.15 17.29
CA ARG A 575 39.16 -10.72 15.91
C ARG A 575 39.65 -11.87 15.04
N ALA A 576 39.70 -11.65 13.74
CA ALA A 576 40.14 -12.72 12.85
C ALA A 576 40.42 -12.22 11.45
N ASN A 577 40.96 -13.11 10.63
CA ASN A 577 41.28 -12.79 9.25
C ASN A 577 39.96 -12.47 8.56
N VAL A 578 39.99 -11.48 7.69
CA VAL A 578 38.80 -11.06 6.95
C VAL A 578 38.28 -12.18 6.07
N MET A 579 39.02 -13.30 5.99
CA MET A 579 38.63 -14.45 5.17
C MET A 579 37.84 -15.48 5.98
N ASP A 580 38.07 -15.48 7.29
CA ASP A 580 37.39 -16.41 8.18
C ASP A 580 36.10 -15.81 8.70
N TYR A 581 35.21 -15.45 7.78
CA TYR A 581 33.94 -14.86 8.15
C TYR A 581 32.88 -15.92 8.48
N ARG A 582 33.07 -17.12 7.94
CA ARG A 582 32.13 -18.21 8.19
C ARG A 582 32.27 -18.64 9.64
N GLU A 583 33.28 -18.09 10.32
CA GLU A 583 33.54 -18.43 11.71
C GLU A 583 33.51 -17.21 12.63
N CYS A 584 33.42 -16.03 12.03
CA CYS A 584 33.40 -14.79 12.81
C CYS A 584 32.48 -13.76 12.16
N ASN A 585 31.17 -13.96 12.30
CA ASN A 585 30.19 -13.03 11.72
C ASN A 585 29.05 -12.66 12.66
N LEU A 586 28.42 -11.51 12.44
CA LEU A 586 27.31 -11.13 13.30
C LEU A 586 26.10 -12.03 13.04
N ALA A 587 25.94 -12.47 11.80
CA ALA A 587 24.82 -13.34 11.44
C ALA A 587 24.80 -13.71 9.96
N GLU A 588 24.04 -14.76 9.64
CA GLU A 588 23.87 -15.20 8.26
C GLU A 588 22.49 -14.68 7.87
N VAL A 589 22.42 -14.00 6.73
CA VAL A 589 21.17 -13.38 6.34
C VAL A 589 20.59 -13.71 4.95
N PRO A 590 19.29 -13.38 4.74
CA PRO A 590 18.52 -13.59 3.50
C PRO A 590 19.04 -12.70 2.37
N THR A 591 19.27 -13.30 1.21
CA THR A 591 19.78 -12.57 0.06
C THR A 591 18.78 -11.56 -0.52
N HIS A 592 19.27 -10.39 -0.97
CA HIS A 592 18.42 -9.34 -1.57
C HIS A 592 17.46 -9.91 -2.64
N ALA A 593 16.29 -9.30 -2.79
CA ALA A 593 15.31 -9.82 -3.75
C ALA A 593 14.52 -8.81 -4.57
N VAL A 594 14.03 -9.28 -5.72
CA VAL A 594 13.21 -8.49 -6.63
C VAL A 594 11.78 -8.61 -6.11
N VAL A 595 11.09 -7.50 -5.84
CA VAL A 595 9.71 -7.65 -5.36
C VAL A 595 8.67 -7.05 -6.32
N VAL A 596 7.48 -7.65 -6.36
CA VAL A 596 6.41 -7.18 -7.23
C VAL A 596 5.02 -7.50 -6.72
N ARG A 597 4.00 -7.04 -7.46
CA ARG A 597 2.61 -7.32 -7.11
C ARG A 597 2.36 -8.80 -7.44
N PRO A 598 1.65 -9.50 -6.56
CA PRO A 598 1.36 -10.92 -6.79
C PRO A 598 0.86 -11.25 -8.20
N GLU A 599 0.05 -10.38 -8.79
CA GLU A 599 -0.47 -10.64 -10.13
C GLU A 599 0.53 -10.35 -11.27
N LYS A 600 1.68 -9.75 -10.96
CA LYS A 600 2.68 -9.47 -11.99
C LYS A 600 3.83 -10.47 -11.94
N ALA A 601 3.76 -11.37 -10.97
CA ALA A 601 4.79 -12.39 -10.77
C ALA A 601 5.09 -13.19 -12.02
N ASN A 602 4.05 -13.56 -12.75
CA ASN A 602 4.25 -14.35 -13.96
C ASN A 602 5.09 -13.61 -15.00
N LYS A 603 4.72 -12.37 -15.32
CA LYS A 603 5.43 -11.59 -16.31
C LYS A 603 6.88 -11.17 -16.04
N ILE A 604 7.11 -10.38 -15.00
CA ILE A 604 8.47 -9.93 -14.76
C ILE A 604 9.44 -11.05 -14.38
N ARG A 605 8.92 -12.20 -13.96
CA ARG A 605 9.80 -13.30 -13.61
C ARG A 605 10.26 -13.94 -14.92
N ASP A 606 9.48 -13.74 -15.96
CA ASP A 606 9.79 -14.29 -17.27
C ASP A 606 10.59 -13.31 -18.10
N LEU A 607 10.17 -12.04 -18.11
CA LEU A 607 10.88 -11.00 -18.85
C LEU A 607 12.26 -10.75 -18.26
N LEU A 608 12.40 -10.99 -16.95
CA LEU A 608 13.66 -10.78 -16.24
C LEU A 608 14.62 -11.94 -16.50
N GLU A 609 14.08 -13.08 -16.92
CA GLU A 609 14.87 -14.25 -17.24
C GLU A 609 15.46 -14.02 -18.62
N ARG A 610 14.63 -13.49 -19.51
CA ARG A 610 15.05 -13.18 -20.87
C ARG A 610 16.14 -12.11 -20.82
N GLN A 611 16.02 -11.16 -19.89
CA GLN A 611 17.01 -10.10 -19.76
C GLN A 611 18.35 -10.59 -19.22
N GLU A 612 18.36 -11.21 -18.03
CA GLU A 612 19.62 -11.70 -17.45
C GLU A 612 20.35 -12.57 -18.46
N LYS A 613 19.58 -13.29 -19.27
CA LYS A 613 20.13 -14.16 -20.30
C LYS A 613 21.04 -13.28 -21.18
N ARG A 614 20.54 -12.10 -21.52
CA ARG A 614 21.27 -11.15 -22.36
C ARG A 614 22.35 -10.34 -21.64
N PHE A 615 22.17 -10.07 -20.35
CA PHE A 615 23.14 -9.25 -19.63
C PHE A 615 23.59 -9.76 -18.25
N GLY A 616 23.61 -11.09 -18.09
CA GLY A 616 24.03 -11.68 -16.82
C GLY A 616 25.53 -11.73 -16.70
N VAL A 617 26.05 -12.41 -15.68
CA VAL A 617 27.50 -12.52 -15.48
C VAL A 617 28.19 -13.05 -16.75
N ASN A 618 27.60 -14.07 -17.34
CA ASN A 618 28.13 -14.64 -18.56
C ASN A 618 26.99 -14.72 -19.56
N GLY A 619 26.49 -13.54 -19.94
CA GLY A 619 25.39 -13.49 -20.87
C GLY A 619 25.72 -13.04 -22.29
N SER A 620 24.77 -13.27 -23.19
CA SER A 620 24.91 -12.92 -24.60
C SER A 620 25.62 -11.60 -24.79
N GLU A 621 24.91 -10.50 -24.60
CA GLU A 621 25.48 -9.19 -24.79
C GLU A 621 26.11 -8.49 -23.58
N LYS A 622 26.78 -9.23 -22.70
CA LYS A 622 27.40 -8.63 -21.51
C LYS A 622 28.30 -7.46 -21.93
N SER A 623 28.83 -7.55 -23.16
CA SER A 623 29.70 -6.52 -23.69
C SER A 623 29.01 -5.16 -23.75
N LYS A 624 27.74 -5.15 -24.14
CA LYS A 624 26.98 -3.92 -24.23
C LYS A 624 26.57 -3.42 -22.85
N PHE A 625 26.15 -4.34 -21.99
CA PHE A 625 25.72 -3.97 -20.65
C PHE A 625 25.67 -5.17 -19.72
N MET A 626 25.96 -4.93 -18.43
CA MET A 626 25.93 -5.95 -17.41
C MET A 626 25.09 -5.50 -16.21
N MET A 627 24.05 -6.28 -15.92
CA MET A 627 23.11 -5.99 -14.83
C MET A 627 23.73 -5.98 -13.41
N PHE A 628 24.83 -6.69 -13.21
CA PHE A 628 25.45 -6.75 -11.88
C PHE A 628 26.84 -6.14 -11.77
N GLU A 629 26.99 -4.90 -12.24
CA GLU A 629 28.26 -4.17 -12.16
C GLU A 629 27.90 -2.72 -11.87
N SER A 630 28.72 -2.01 -11.08
CA SER A 630 28.37 -0.63 -10.77
C SER A 630 29.44 0.28 -10.18
N GLN A 631 30.72 -0.06 -10.34
CA GLN A 631 31.75 0.80 -9.77
C GLN A 631 31.62 0.79 -8.24
N ASN A 632 31.60 -0.41 -7.67
CA ASN A 632 31.49 -0.57 -6.22
C ASN A 632 30.37 0.24 -5.60
N LYS A 633 29.30 0.50 -6.34
CA LYS A 633 28.19 1.26 -5.77
C LYS A 633 26.87 0.51 -5.68
N ASP A 634 26.90 -0.78 -6.00
CA ASP A 634 25.73 -1.64 -5.97
C ASP A 634 24.47 -0.97 -6.52
N LEU A 635 24.49 -0.66 -7.81
CA LEU A 635 23.36 -0.01 -8.47
C LEU A 635 22.32 -1.01 -8.98
N LEU A 636 21.07 -0.83 -8.53
CA LEU A 636 19.95 -1.69 -8.94
C LEU A 636 20.04 -3.13 -8.42
N PHE A 637 21.25 -3.69 -8.47
CA PHE A 637 21.53 -5.05 -7.98
C PHE A 637 22.87 -4.94 -7.26
N LYS A 638 23.16 -5.89 -6.37
CA LYS A 638 24.45 -5.87 -5.67
C LYS A 638 25.52 -6.47 -6.55
N ASP A 639 26.63 -5.75 -6.68
CA ASP A 639 27.74 -6.19 -7.50
C ASP A 639 28.10 -7.65 -7.30
N LEU A 640 27.93 -8.13 -6.07
CA LEU A 640 28.21 -9.53 -5.70
C LEU A 640 27.32 -10.53 -6.44
N THR A 641 26.18 -10.07 -6.93
CA THR A 641 25.26 -10.96 -7.65
C THR A 641 25.93 -11.71 -8.79
N LYS A 642 25.82 -13.04 -8.77
CA LYS A 642 26.36 -13.90 -9.82
C LYS A 642 25.23 -14.27 -10.78
N CYS A 643 24.03 -14.31 -10.25
CA CYS A 643 22.87 -14.64 -11.06
C CYS A 643 21.62 -14.34 -10.25
N LEU A 644 20.46 -14.66 -10.81
CA LEU A 644 19.19 -14.43 -10.13
C LEU A 644 18.39 -15.74 -10.19
N PHE A 645 17.82 -16.15 -9.06
CA PHE A 645 17.04 -17.38 -9.01
C PHE A 645 15.56 -17.13 -8.73
N LYS A 646 14.72 -17.94 -9.35
CA LYS A 646 13.27 -17.81 -9.19
C LYS A 646 12.81 -18.34 -7.85
N VAL A 647 12.07 -17.50 -7.12
CA VAL A 647 11.51 -17.87 -5.83
C VAL A 647 10.21 -18.59 -6.16
N ARG A 648 10.10 -19.86 -5.79
CA ARG A 648 8.91 -20.66 -6.08
C ARG A 648 7.60 -19.89 -5.93
N GLU A 649 6.74 -20.00 -6.96
CA GLU A 649 5.46 -19.29 -6.96
C GLU A 649 4.70 -19.44 -5.65
N GLY A 650 4.14 -18.34 -5.19
CA GLY A 650 3.38 -18.36 -3.95
C GLY A 650 4.18 -18.14 -2.68
N THR A 651 5.48 -17.88 -2.78
CA THR A 651 6.32 -17.65 -1.60
C THR A 651 6.05 -16.28 -0.96
N THR A 652 5.65 -16.25 0.31
CA THR A 652 5.38 -15.00 1.00
C THR A 652 6.70 -14.41 1.45
N TYR A 653 6.72 -13.11 1.68
CA TYR A 653 7.94 -12.45 2.10
C TYR A 653 8.50 -13.11 3.36
N LYS A 654 7.63 -13.36 4.33
CA LYS A 654 8.07 -13.98 5.57
C LYS A 654 8.80 -15.30 5.38
N GLU A 655 8.33 -16.10 4.42
CA GLU A 655 8.96 -17.39 4.16
C GLU A 655 10.32 -17.20 3.50
N PHE A 656 10.50 -16.07 2.83
CA PHE A 656 11.76 -15.76 2.15
C PHE A 656 12.79 -15.24 3.14
N LEU A 657 12.43 -14.19 3.87
CA LEU A 657 13.33 -13.60 4.85
C LEU A 657 13.79 -14.60 5.89
N GLY A 658 13.13 -15.75 5.95
CA GLY A 658 13.51 -16.72 6.93
C GLY A 658 13.01 -16.24 8.28
N ASP A 659 12.72 -17.18 9.16
CA ASP A 659 12.18 -16.85 10.47
C ASP A 659 13.15 -16.13 11.41
N LYS A 660 14.32 -16.74 11.65
CA LYS A 660 15.33 -16.14 12.54
C LYS A 660 15.44 -14.66 12.23
N PHE A 661 15.56 -14.34 10.94
CA PHE A 661 15.68 -12.95 10.54
C PHE A 661 14.35 -12.21 10.68
N TYR A 662 13.31 -12.75 10.05
CA TYR A 662 11.99 -12.13 10.09
C TYR A 662 11.70 -11.56 11.47
N THR A 663 12.05 -12.34 12.49
CA THR A 663 11.82 -11.94 13.87
C THR A 663 12.54 -10.68 14.30
N VAL A 664 13.75 -10.48 13.79
CA VAL A 664 14.49 -9.30 14.17
C VAL A 664 13.91 -8.00 13.62
N ILE A 665 13.46 -8.00 12.36
CA ILE A 665 12.89 -6.79 11.76
C ILE A 665 11.55 -6.43 12.34
N SER A 666 10.68 -7.42 12.51
CA SER A 666 9.34 -7.21 13.05
C SER A 666 9.42 -6.30 14.25
N SER A 667 9.92 -6.88 15.34
CA SER A 667 10.08 -6.18 16.61
C SER A 667 10.91 -4.92 16.42
N LEU A 668 12.12 -5.08 15.92
CA LEU A 668 13.01 -3.94 15.71
C LEU A 668 12.22 -2.79 15.05
N LYS A 669 11.54 -3.11 13.96
CA LYS A 669 10.77 -2.10 13.23
C LYS A 669 9.65 -1.51 14.05
N THR A 670 9.38 -2.09 15.21
CA THR A 670 8.32 -1.58 16.08
C THR A 670 8.80 -0.36 16.87
N CYS A 671 10.12 -0.23 17.01
CA CYS A 671 10.72 0.90 17.75
C CYS A 671 10.31 2.26 17.20
N ASN A 672 10.32 2.38 15.88
CA ASN A 672 9.96 3.63 15.23
C ASN A 672 9.62 3.40 13.76
N PRO A 673 8.39 2.94 13.49
CA PRO A 673 7.89 2.66 12.14
C PRO A 673 7.97 3.82 11.16
N SER A 674 8.33 3.54 9.92
CA SER A 674 8.43 4.56 8.89
C SER A 674 7.04 4.94 8.43
N ASP A 675 6.94 6.08 7.73
CA ASP A 675 5.65 6.53 7.23
C ASP A 675 4.96 5.44 6.41
N ILE A 676 5.65 4.97 5.39
CA ILE A 676 5.13 3.94 4.50
C ILE A 676 4.67 2.69 5.24
N LEU A 677 5.38 2.32 6.29
CA LEU A 677 5.04 1.12 7.04
C LEU A 677 3.72 1.25 7.81
N GLN A 678 3.32 2.48 8.14
CA GLN A 678 2.07 2.71 8.86
C GLN A 678 0.91 2.70 7.87
N MET A 679 1.18 3.25 6.69
CA MET A 679 0.20 3.33 5.60
C MET A 679 -0.19 1.96 5.02
N CYS A 680 0.77 1.03 4.99
CA CYS A 680 0.50 -0.30 4.47
C CYS A 680 -0.18 -1.14 5.52
N SER A 681 0.36 -1.08 6.73
CA SER A 681 -0.19 -1.82 7.85
C SER A 681 -1.66 -1.43 7.94
N PHE A 682 -1.96 -0.17 7.67
CA PHE A 682 -3.34 0.31 7.71
C PHE A 682 -4.14 -0.41 6.63
N LEU A 683 -3.53 -0.63 5.47
CA LEU A 683 -4.21 -1.31 4.38
C LEU A 683 -4.31 -2.80 4.66
N GLU A 684 -3.17 -3.44 4.89
CA GLU A 684 -3.13 -4.88 5.20
C GLU A 684 -3.88 -5.04 6.49
N GLY A 685 -5.18 -4.74 6.43
CA GLY A 685 -6.01 -4.82 7.61
C GLY A 685 -5.38 -3.85 8.60
N LYS A 686 -5.59 -4.06 9.89
CA LYS A 686 -5.01 -3.18 10.89
C LYS A 686 -3.58 -3.59 11.21
C1 FUL B . -12.04 30.58 3.20
C2 FUL B . -11.47 31.91 3.61
O2 FUL B . -10.07 31.94 3.33
C3 FUL B . -12.19 33.04 2.86
O3 FUL B . -12.34 34.14 3.73
C4 FUL B . -13.58 32.71 2.26
O4 FUL B . -14.50 33.69 2.69
C5 FUL B . -14.19 31.30 2.57
C6 FUL B . -15.60 31.43 3.12
O5 FUL B . -13.42 30.58 3.53
O1 FUL B . -11.41 29.54 3.86
FE FE C . -20.66 1.93 -0.08
FE FE D . 22.01 -6.27 2.36
C CO3 E . -22.22 1.32 -1.65
O1 CO3 E . -22.54 1.01 -2.82
O2 CO3 E . -21.28 0.67 -1.03
O3 CO3 E . -22.84 2.32 -1.06
C CO3 F . 22.85 -4.17 3.99
O1 CO3 F . 23.27 -3.55 5.02
O2 CO3 F . 22.97 -3.60 2.82
O3 CO3 F . 22.35 -5.37 4.11
#